data_8U6J
#
_entry.id   8U6J
#
_cell.length_a   224.431
_cell.length_b   69.630
_cell.length_c   105.065
_cell.angle_alpha   90.00
_cell.angle_beta   105.89
_cell.angle_gamma   90.00
#
_symmetry.space_group_name_H-M   'C 1 2 1'
#
loop_
_entity.id
_entity.type
_entity.pdbx_description
1 polymer 'Reverse transcriptase/ribonuclease H'
2 polymer 'p51 RT'
3 non-polymer N-[2-(5-chloro-2-{[(4R)-2-cyanoindolizin-8-yl]oxy}phenoxy)ethyl]-N-methylpropanamide
4 non-polymer 'MAGNESIUM ION'
5 water water
#
loop_
_entity_poly.entity_id
_entity_poly.type
_entity_poly.pdbx_seq_one_letter_code
_entity_poly.pdbx_strand_id
1 'polypeptide(L)'
;MVPISPIETVPVKLKPGMDGPKVKQWPLTEEKIKALVEICTEMEKEGKISKIGPENPYNTPVFAIKKKDSTKWRKLVDFR
ELNKRTQDFWEVQLGIPHPAGLKKKKSVTVLDVGDAYFSVPLDEDFRKYTAFTIPSINNETPGIRYQYNVLPQGWKGSPA
IFQSSMTKILEPFAAQNPDIVIYQYMDDLYVGSDLEIGQHRTKIEELRQHLLRWGLTTPDKKHQKEPPFLWMGYELHPDK
WTVQPIVLPEKDSWTVNDIQKLVGKLNWASQIYPGIKVRQLSKLLRGTKALTEVIPLTEEAELELAENREILKEPVHGVY
YDPSKDLIAEIQKQGQGQWTYQIYQEPFKNLKTGKYARMRGAHTNDVKQLTEAVQKITTESIVIWGKTPKFKLPIQKETW
ETWWTEYWQATWIPEWEFVNTPPLVKLWYQLEKEPIVGAETFYVDGAANRETKLGKAGYVTNKGRQKVVPLTNTTNQKTE
LQAIYLALQDSGLEVNIVTDSQYALGIIQAQPDKSESELVNQIIEQLIKKEKVYLAWVPAHKGIGGNEQVDKLVSAG
;
A
2 'polypeptide(L)'
;PISPIETVPVKLKPGMDGPKVKQWPLTEEKIKALVEICTEMEKEGKISKIGPENPYNTPVFAIKKKDSTKWRKLVDFREL
NKRTQDFWEVQLGIPHPAGLKKKKSVTVLDVGDAYFSVPLDEDFRKYTAFTIPSINNETPGIRYQYNVLPQGWKGSPAIF
QSSMTKILEPFKKQNPDIVIYQYMDDLYVGSDLEIGQHRTKIEELRQHLLRWGLTTPDKKHQKEPPFLWMGYELHPDKWT
VQPIVLPEKDSWTVNDIQKLVGKLNWASQIYPGIKVRQLSKLLRGTKALTEVIPLTEEAELELAENREILKEPVHGVYYD
PSKDLIAEIQKQGQGQWTYQIYQEPFKNLKTGKYARMRGAHTNDVKQLTEAVQKITTESIVIWGKTPKFKLPIQKETWET
WWTEYWQATWIPEWEFVNTPPLVKLWYQ
;
B
#
loop_
_chem_comp.id
_chem_comp.type
_chem_comp.name
_chem_comp.formula
MG non-polymer 'MAGNESIUM ION' 'Mg 2'
VR9 non-polymer N-[2-(5-chloro-2-{[(4R)-2-cyanoindolizin-8-yl]oxy}phenoxy)ethyl]-N-methylpropanamide 'C21 H20 Cl N3 O3'
#
# COMPACT_ATOMS: atom_id res chain seq x y z
N PRO A 3 37.52 -12.80 -18.32
CA PRO A 3 37.51 -11.72 -19.32
C PRO A 3 36.19 -11.64 -20.11
N ILE A 4 36.13 -10.77 -21.13
CA ILE A 4 34.98 -10.69 -22.02
C ILE A 4 34.55 -12.12 -22.35
N SER A 5 33.26 -12.40 -22.21
CA SER A 5 32.72 -13.74 -22.16
C SER A 5 31.92 -14.09 -23.43
N PRO A 6 31.76 -15.41 -23.74
CA PRO A 6 30.92 -15.79 -24.89
C PRO A 6 29.43 -15.66 -24.54
N ILE A 7 29.16 -14.93 -23.44
CA ILE A 7 27.79 -14.60 -23.06
C ILE A 7 27.15 -13.79 -24.18
N GLU A 8 25.85 -14.01 -24.37
CA GLU A 8 25.10 -13.23 -25.34
C GLU A 8 24.78 -11.84 -24.77
N THR A 9 24.97 -10.81 -25.58
CA THR A 9 24.81 -9.46 -25.10
C THR A 9 23.34 -9.07 -24.99
N VAL A 10 23.04 -8.23 -24.02
CA VAL A 10 21.72 -7.61 -23.90
C VAL A 10 21.67 -6.37 -24.78
N PRO A 11 20.74 -6.29 -25.75
CA PRO A 11 20.64 -5.09 -26.59
C PRO A 11 20.20 -3.88 -25.80
N VAL A 12 20.85 -2.75 -26.09
CA VAL A 12 20.59 -1.46 -25.44
C VAL A 12 20.38 -0.42 -26.52
N LYS A 13 19.37 0.43 -26.34
CA LYS A 13 19.21 1.60 -27.21
C LYS A 13 19.06 2.85 -26.34
N LEU A 14 19.25 4.01 -26.97
CA LEU A 14 19.15 5.29 -26.28
C LEU A 14 17.68 5.72 -26.13
N LYS A 15 17.44 6.56 -25.11
CA LYS A 15 16.10 7.06 -24.85
C LYS A 15 15.52 7.69 -26.12
N PRO A 16 14.23 7.54 -26.38
CA PRO A 16 13.67 7.89 -27.68
C PRO A 16 14.09 9.29 -28.14
N GLY A 17 14.50 9.37 -29.41
CA GLY A 17 14.88 10.65 -29.99
C GLY A 17 16.01 11.34 -29.26
N MET A 18 17.00 10.59 -28.81
CA MET A 18 18.20 11.15 -28.22
C MET A 18 19.43 10.70 -29.02
N ASP A 19 20.50 11.47 -28.92
CA ASP A 19 21.76 11.12 -29.55
C ASP A 19 22.84 10.96 -28.48
N GLY A 20 23.91 10.24 -28.87
CA GLY A 20 24.95 9.90 -27.94
C GLY A 20 25.75 11.11 -27.51
N PRO A 21 26.45 11.00 -26.38
CA PRO A 21 27.15 12.17 -25.84
C PRO A 21 28.27 12.63 -26.76
N LYS A 22 28.47 13.94 -26.80
CA LYS A 22 29.48 14.63 -27.60
C LYS A 22 30.22 15.63 -26.71
N VAL A 23 30.72 15.12 -25.59
CA VAL A 23 31.17 15.96 -24.48
C VAL A 23 32.60 16.45 -24.71
N LYS A 24 32.95 17.52 -23.99
CA LYS A 24 34.21 18.22 -24.10
C LYS A 24 35.31 17.52 -23.29
N GLN A 25 36.54 17.62 -23.81
CA GLN A 25 37.70 16.93 -23.25
C GLN A 25 38.85 17.92 -23.07
N TRP A 26 38.87 18.63 -21.94
CA TRP A 26 39.93 19.60 -21.68
C TRP A 26 41.19 18.87 -21.25
N PRO A 27 42.33 19.08 -21.94
CA PRO A 27 43.53 18.28 -21.64
C PRO A 27 43.93 18.41 -20.18
N LEU A 28 44.76 17.46 -19.74
CA LEU A 28 45.11 17.33 -18.35
C LEU A 28 46.59 17.01 -18.23
N THR A 29 47.04 16.76 -17.00
CA THR A 29 48.46 16.53 -16.68
C THR A 29 49.13 15.67 -17.74
N GLU A 30 50.33 16.09 -18.14
CA GLU A 30 51.14 15.25 -19.00
C GLU A 30 51.53 13.97 -18.29
N GLU A 31 51.84 14.05 -16.99
CA GLU A 31 52.11 12.85 -16.22
C GLU A 31 50.88 11.95 -16.15
N LYS A 32 49.69 12.54 -16.05
CA LYS A 32 48.47 11.76 -16.11
C LYS A 32 48.32 11.09 -17.48
N ILE A 33 48.43 11.89 -18.56
CA ILE A 33 48.23 11.34 -19.90
C ILE A 33 49.14 10.17 -20.16
N LYS A 34 50.18 10.01 -19.35
CA LYS A 34 51.10 8.90 -19.51
C LYS A 34 50.55 7.64 -18.87
N ALA A 35 50.26 7.70 -17.56
CA ALA A 35 49.70 6.54 -16.88
C ALA A 35 48.38 6.09 -17.53
N LEU A 36 47.66 7.01 -18.17
CA LEU A 36 46.41 6.61 -18.82
C LEU A 36 46.68 5.64 -19.98
N VAL A 37 47.60 6.01 -20.87
CA VAL A 37 47.89 5.13 -22.01
C VAL A 37 48.55 3.84 -21.56
N GLU A 38 49.28 3.86 -20.45
CA GLU A 38 49.90 2.63 -19.95
C GLU A 38 48.84 1.62 -19.51
N ILE A 39 47.73 2.10 -18.96
CA ILE A 39 46.63 1.24 -18.57
C ILE A 39 45.65 1.04 -19.73
N CYS A 40 45.53 2.05 -20.58
CA CYS A 40 44.49 2.03 -21.60
C CYS A 40 44.81 1.01 -22.70
N THR A 41 46.07 0.89 -23.10
CA THR A 41 46.47 -0.12 -24.08
C THR A 41 46.80 -1.46 -23.42
N GLU A 42 46.82 -1.52 -22.09
CA GLU A 42 46.93 -2.80 -21.43
C GLU A 42 45.58 -3.51 -21.29
N MET A 43 44.47 -2.78 -21.35
CA MET A 43 43.17 -3.43 -21.42
C MET A 43 42.62 -3.48 -22.84
N GLU A 44 43.26 -2.80 -23.79
CA GLU A 44 42.95 -3.03 -25.19
C GLU A 44 43.42 -4.41 -25.61
N LYS A 45 44.65 -4.77 -25.22
CA LYS A 45 45.18 -6.10 -25.50
C LYS A 45 44.36 -7.19 -24.84
N GLU A 46 43.53 -6.85 -23.86
CA GLU A 46 42.62 -7.80 -23.23
C GLU A 46 41.22 -7.75 -23.83
N GLY A 47 41.02 -6.94 -24.87
CA GLY A 47 39.74 -6.88 -25.55
C GLY A 47 38.66 -6.11 -24.84
N LYS A 48 38.99 -5.42 -23.74
CA LYS A 48 37.99 -4.65 -23.02
C LYS A 48 37.63 -3.35 -23.74
N ILE A 49 38.57 -2.81 -24.51
CA ILE A 49 38.37 -1.61 -25.30
C ILE A 49 39.04 -1.84 -26.65
N SER A 50 38.75 -0.96 -27.60
CA SER A 50 39.41 -1.00 -28.89
C SER A 50 39.81 0.43 -29.26
N LYS A 51 40.39 0.61 -30.45
CA LYS A 51 40.79 1.93 -30.90
C LYS A 51 40.08 2.20 -32.21
N ILE A 52 39.26 3.26 -32.24
CA ILE A 52 38.49 3.66 -33.39
C ILE A 52 38.97 5.03 -33.86
N GLY A 53 38.74 5.30 -35.15
CA GLY A 53 39.07 6.59 -35.70
C GLY A 53 38.01 7.63 -35.37
N PRO A 54 38.19 8.83 -35.92
CA PRO A 54 37.22 9.90 -35.66
C PRO A 54 35.89 9.70 -36.37
N GLU A 55 35.70 8.57 -37.08
CA GLU A 55 34.44 8.33 -37.79
C GLU A 55 33.24 8.48 -36.87
N ASN A 56 33.34 7.95 -35.64
CA ASN A 56 32.25 8.13 -34.67
C ASN A 56 32.34 9.54 -34.06
N PRO A 57 31.23 10.28 -33.99
CA PRO A 57 31.28 11.65 -33.46
C PRO A 57 31.09 11.78 -31.96
N TYR A 58 30.61 10.74 -31.28
CA TYR A 58 30.36 10.83 -29.85
C TYR A 58 31.67 10.78 -29.07
N ASN A 59 31.63 11.30 -27.84
CA ASN A 59 32.83 11.30 -27.02
C ASN A 59 32.44 11.60 -25.57
N THR A 60 33.29 11.14 -24.65
CA THR A 60 33.11 11.28 -23.21
C THR A 60 34.46 11.57 -22.56
N PRO A 61 34.47 12.24 -21.41
CA PRO A 61 35.73 12.56 -20.74
C PRO A 61 36.23 11.47 -19.79
N VAL A 62 37.55 11.48 -19.60
CA VAL A 62 38.29 10.46 -18.88
C VAL A 62 39.27 11.14 -17.93
N PHE A 63 39.43 10.57 -16.73
CA PHE A 63 40.20 11.17 -15.64
C PHE A 63 41.14 10.13 -15.04
N ALA A 64 42.03 10.59 -14.14
CA ALA A 64 42.98 9.72 -13.47
C ALA A 64 42.99 9.98 -11.97
N ILE A 65 43.36 8.96 -11.20
CA ILE A 65 43.31 9.02 -9.74
C ILE A 65 44.25 7.96 -9.19
N LYS A 66 44.66 8.13 -7.93
CA LYS A 66 45.58 7.15 -7.32
C LYS A 66 45.22 6.81 -5.88
N THR A 71 50.28 3.64 -5.18
CA THR A 71 51.26 2.72 -5.75
C THR A 71 51.09 2.61 -7.26
N LYS A 72 50.01 3.19 -7.78
CA LYS A 72 49.70 3.17 -9.20
C LYS A 72 48.68 4.27 -9.46
N TRP A 73 48.11 4.28 -10.66
CA TRP A 73 47.00 5.16 -11.00
C TRP A 73 45.78 4.29 -11.33
N ARG A 74 44.68 4.95 -11.69
CA ARG A 74 43.45 4.25 -12.04
C ARG A 74 42.63 5.13 -12.97
N LYS A 75 41.95 4.50 -13.93
CA LYS A 75 41.22 5.20 -14.98
C LYS A 75 39.76 5.37 -14.58
N LEU A 76 39.21 6.56 -14.85
CA LEU A 76 37.83 6.85 -14.52
C LEU A 76 37.16 7.57 -15.68
N VAL A 77 35.90 7.24 -15.91
CA VAL A 77 35.09 7.89 -16.93
C VAL A 77 33.77 8.31 -16.27
N ASP A 78 33.56 9.63 -16.16
CA ASP A 78 32.27 10.14 -15.72
C ASP A 78 31.29 9.94 -16.87
N PHE A 79 30.45 8.90 -16.77
CA PHE A 79 29.44 8.63 -17.77
C PHE A 79 28.15 9.40 -17.55
N ARG A 80 28.18 10.45 -16.71
CA ARG A 80 26.94 11.14 -16.36
C ARG A 80 26.16 11.56 -17.60
N GLU A 81 26.87 12.04 -18.63
CA GLU A 81 26.15 12.53 -19.80
C GLU A 81 25.52 11.39 -20.59
N LEU A 82 26.22 10.25 -20.68
CA LEU A 82 25.64 9.09 -21.35
C LEU A 82 24.49 8.50 -20.52
N ASN A 83 24.72 8.32 -19.21
CA ASN A 83 23.67 7.74 -18.36
C ASN A 83 22.35 8.47 -18.55
N LYS A 84 22.39 9.81 -18.66
CA LYS A 84 21.15 10.54 -18.86
C LYS A 84 20.49 10.21 -20.19
N ARG A 85 21.22 9.57 -21.12
CA ARG A 85 20.74 9.39 -22.47
C ARG A 85 20.35 7.94 -22.81
N THR A 86 20.76 6.97 -22.01
CA THR A 86 20.45 5.58 -22.31
C THR A 86 19.12 5.18 -21.66
N GLN A 87 18.39 4.33 -22.38
CA GLN A 87 17.07 3.86 -21.94
C GLN A 87 17.11 3.39 -20.50
N ASP A 88 15.97 3.32 -19.85
CA ASP A 88 15.91 2.73 -18.53
C ASP A 88 15.93 1.21 -18.64
N PHE A 89 16.33 0.56 -17.55
CA PHE A 89 16.41 -0.90 -17.47
C PHE A 89 15.49 -1.40 -16.38
N TRP A 90 15.47 -2.71 -16.20
CA TRP A 90 14.86 -3.25 -15.02
C TRP A 90 15.62 -2.73 -13.81
N GLU A 91 14.92 -2.47 -12.71
CA GLU A 91 15.54 -1.83 -11.56
C GLU A 91 16.36 -2.87 -10.81
N VAL A 92 17.68 -2.65 -10.74
CA VAL A 92 18.53 -3.54 -9.97
C VAL A 92 17.98 -3.67 -8.57
N GLN A 93 17.84 -4.91 -8.10
CA GLN A 93 17.10 -5.21 -6.88
C GLN A 93 17.31 -4.15 -5.80
N LEU A 94 16.20 -3.67 -5.25
CA LEU A 94 16.23 -2.66 -4.20
C LEU A 94 15.98 -3.33 -2.87
N GLY A 95 16.95 -3.24 -1.96
CA GLY A 95 16.85 -3.92 -0.69
C GLY A 95 17.64 -5.22 -0.64
N ILE A 96 17.73 -5.78 0.55
CA ILE A 96 18.77 -6.74 0.93
C ILE A 96 18.13 -7.91 1.66
N PRO A 97 18.68 -9.12 1.59
CA PRO A 97 18.08 -10.22 2.37
C PRO A 97 18.35 -10.04 3.85
N HIS A 98 17.30 -10.23 4.65
CA HIS A 98 17.61 -9.99 6.05
C HIS A 98 18.16 -11.26 6.71
N PRO A 99 19.21 -11.19 7.52
CA PRO A 99 19.74 -12.42 8.11
C PRO A 99 18.68 -13.22 8.85
N ALA A 100 17.66 -12.58 9.38
CA ALA A 100 16.62 -13.30 10.10
C ALA A 100 15.94 -14.35 9.23
N GLY A 101 16.00 -14.20 7.91
CA GLY A 101 15.24 -15.02 7.00
C GLY A 101 16.05 -16.02 6.20
N LEU A 102 17.34 -16.14 6.51
CA LEU A 102 18.17 -17.20 5.96
C LEU A 102 17.99 -18.48 6.79
N LYS A 103 18.18 -19.63 6.13
CA LYS A 103 18.14 -20.90 6.83
C LYS A 103 19.57 -21.34 7.12
N LYS A 104 19.76 -21.94 8.30
CA LYS A 104 21.02 -22.57 8.67
C LYS A 104 21.38 -23.64 7.66
N LYS A 105 22.49 -23.42 6.96
CA LYS A 105 23.10 -24.40 6.08
C LYS A 105 24.40 -24.86 6.75
N LYS A 106 24.78 -26.12 6.54
CA LYS A 106 25.99 -26.59 7.21
C LYS A 106 27.22 -25.81 6.73
N SER A 107 27.21 -25.34 5.49
CA SER A 107 28.36 -24.63 4.97
C SER A 107 27.89 -23.45 4.13
N VAL A 108 28.71 -22.41 4.08
CA VAL A 108 28.43 -21.24 3.26
C VAL A 108 29.76 -20.71 2.78
N THR A 109 29.93 -20.64 1.48
CA THR A 109 31.12 -20.05 0.90
C THR A 109 30.74 -18.75 0.22
N VAL A 110 31.60 -17.77 0.33
CA VAL A 110 31.41 -16.49 -0.32
C VAL A 110 32.33 -16.49 -1.52
N LEU A 111 31.84 -16.01 -2.66
CA LEU A 111 32.65 -15.89 -3.85
C LEU A 111 32.39 -14.51 -4.41
N ASP A 112 33.44 -13.71 -4.54
CA ASP A 112 33.32 -12.42 -5.22
C ASP A 112 33.96 -12.52 -6.60
N VAL A 113 33.22 -12.12 -7.60
CA VAL A 113 33.68 -12.15 -8.98
C VAL A 113 34.61 -10.96 -9.23
N GLY A 114 35.81 -11.25 -9.73
CA GLY A 114 36.71 -10.16 -10.08
C GLY A 114 36.29 -9.44 -11.34
N ASP A 115 36.55 -8.16 -11.39
CA ASP A 115 36.34 -7.36 -12.59
C ASP A 115 35.03 -7.68 -13.29
N ALA A 116 33.94 -7.79 -12.50
CA ALA A 116 32.68 -8.26 -13.05
C ALA A 116 32.27 -7.53 -14.34
N TYR A 117 32.00 -6.23 -14.28
CA TYR A 117 31.39 -5.61 -15.45
C TYR A 117 32.31 -5.71 -16.66
N PHE A 118 33.62 -5.65 -16.45
CA PHE A 118 34.52 -5.80 -17.58
C PHE A 118 34.50 -7.22 -18.15
N SER A 119 33.98 -8.19 -17.39
CA SER A 119 33.91 -9.56 -17.86
C SER A 119 32.72 -9.84 -18.76
N VAL A 120 31.81 -8.89 -18.99
CA VAL A 120 30.57 -9.15 -19.72
C VAL A 120 30.51 -8.28 -20.96
N PRO A 121 30.29 -8.85 -22.13
CA PRO A 121 30.29 -8.04 -23.34
C PRO A 121 29.18 -7.00 -23.34
N LEU A 122 29.46 -5.87 -23.97
CA LEU A 122 28.47 -4.82 -24.16
C LEU A 122 27.89 -4.92 -25.57
N ASP A 123 26.58 -4.73 -25.67
CA ASP A 123 25.91 -4.86 -26.97
C ASP A 123 26.69 -4.12 -28.05
N GLU A 124 26.88 -4.80 -29.19
CA GLU A 124 27.81 -4.29 -30.19
C GLU A 124 27.37 -2.93 -30.71
N ASP A 125 26.13 -2.84 -31.23
CA ASP A 125 25.61 -1.63 -31.88
C ASP A 125 25.37 -0.47 -30.91
N PHE A 126 25.75 -0.62 -29.64
CA PHE A 126 25.71 0.46 -28.65
C PHE A 126 27.12 0.79 -28.16
N ARG A 127 28.17 0.21 -28.75
CA ARG A 127 29.52 0.51 -28.30
C ARG A 127 30.03 1.85 -28.81
N LYS A 128 29.47 2.35 -29.91
CA LYS A 128 29.90 3.64 -30.43
C LYS A 128 29.70 4.74 -29.42
N TYR A 129 28.71 4.59 -28.55
CA TYR A 129 28.32 5.63 -27.61
C TYR A 129 29.19 5.65 -26.37
N THR A 130 30.26 4.87 -26.33
CA THR A 130 31.15 4.83 -25.18
C THR A 130 32.50 5.47 -25.48
N ALA A 131 32.63 6.11 -26.64
CA ALA A 131 33.92 6.61 -27.11
C ALA A 131 34.48 7.75 -26.24
N PHE A 132 35.80 7.78 -26.12
CA PHE A 132 36.52 8.83 -25.43
C PHE A 132 37.81 9.14 -26.17
N THR A 133 38.51 10.20 -25.74
CA THR A 133 39.74 10.62 -26.37
C THR A 133 40.80 10.88 -25.30
N ILE A 134 42.01 10.35 -25.49
CA ILE A 134 43.15 10.62 -24.63
C ILE A 134 43.95 11.74 -25.25
N PRO A 135 44.20 12.85 -24.54
CA PRO A 135 44.83 14.03 -25.16
C PRO A 135 46.29 13.78 -25.52
N SER A 136 46.78 14.60 -26.46
CA SER A 136 48.12 14.44 -27.02
C SER A 136 49.14 15.39 -26.37
N ILE A 137 48.94 15.72 -25.08
CA ILE A 137 49.87 16.57 -24.36
C ILE A 137 49.93 17.94 -25.02
N ASN A 138 50.48 17.99 -26.25
CA ASN A 138 50.56 19.25 -26.98
C ASN A 138 49.18 19.83 -27.28
N ASN A 139 48.13 18.99 -27.22
CA ASN A 139 46.73 19.41 -27.30
C ASN A 139 46.38 19.90 -28.70
N GLU A 140 47.42 20.21 -29.50
CA GLU A 140 47.27 20.38 -30.94
C GLU A 140 47.68 19.12 -31.67
N THR A 141 48.46 18.28 -31.02
CA THR A 141 48.75 16.94 -31.50
C THR A 141 47.48 16.09 -31.50
N PRO A 142 47.39 15.11 -32.41
CA PRO A 142 46.14 14.36 -32.56
C PRO A 142 45.88 13.47 -31.35
N GLY A 143 44.59 13.14 -31.16
CA GLY A 143 44.15 12.32 -30.05
C GLY A 143 43.78 10.92 -30.49
N ILE A 144 44.05 9.94 -29.61
CA ILE A 144 43.76 8.53 -29.87
C ILE A 144 42.40 8.18 -29.27
N ARG A 145 41.54 7.55 -30.08
CA ARG A 145 40.14 7.32 -29.71
C ARG A 145 39.89 5.83 -29.47
N TYR A 146 39.27 5.53 -28.32
CA TYR A 146 38.93 4.18 -27.88
C TYR A 146 37.43 4.11 -27.58
N GLN A 147 36.89 2.89 -27.60
CA GLN A 147 35.53 2.63 -27.13
C GLN A 147 35.59 1.42 -26.21
N TYR A 148 34.44 1.02 -25.67
CA TYR A 148 34.35 -0.14 -24.81
C TYR A 148 33.71 -1.30 -25.54
N ASN A 149 34.19 -2.51 -25.23
CA ASN A 149 33.57 -3.76 -25.64
C ASN A 149 32.88 -4.47 -24.48
N VAL A 150 32.98 -3.93 -23.27
CA VAL A 150 32.36 -4.57 -22.12
C VAL A 150 31.58 -3.52 -21.32
N LEU A 151 30.78 -4.02 -20.36
CA LEU A 151 30.01 -3.21 -19.46
C LEU A 151 30.89 -2.16 -18.80
N PRO A 152 30.78 -0.90 -19.21
CA PRO A 152 31.63 0.14 -18.64
C PRO A 152 31.37 0.36 -17.16
N GLN A 153 32.43 0.77 -16.47
CA GLN A 153 32.34 0.97 -15.04
C GLN A 153 31.41 2.16 -14.71
N GLY A 154 30.48 1.93 -13.78
CA GLY A 154 29.52 2.93 -13.40
C GLY A 154 28.59 3.42 -14.50
N TRP A 155 28.29 2.61 -15.49
CA TRP A 155 27.29 2.97 -16.48
C TRP A 155 25.92 2.51 -16.00
N LYS A 156 24.87 3.11 -16.57
CA LYS A 156 23.51 2.86 -16.09
C LYS A 156 23.13 1.39 -16.27
N GLY A 157 23.42 0.82 -17.44
CA GLY A 157 23.06 -0.55 -17.75
C GLY A 157 23.89 -1.60 -17.03
N SER A 158 25.07 -1.23 -16.54
CA SER A 158 26.02 -2.25 -16.11
C SER A 158 25.48 -3.13 -14.99
N PRO A 159 25.06 -2.62 -13.85
CA PRO A 159 24.60 -3.55 -12.81
C PRO A 159 23.50 -4.49 -13.29
N ALA A 160 22.60 -4.04 -14.15
CA ALA A 160 21.40 -4.83 -14.42
C ALA A 160 21.65 -5.88 -15.48
N ILE A 161 22.44 -5.54 -16.49
CA ILE A 161 22.92 -6.50 -17.47
C ILE A 161 23.85 -7.51 -16.82
N PHE A 162 24.81 -7.03 -16.02
CA PHE A 162 25.66 -7.97 -15.30
C PHE A 162 24.81 -8.97 -14.54
N GLN A 163 23.84 -8.50 -13.78
CA GLN A 163 23.01 -9.42 -13.02
C GLN A 163 22.43 -10.50 -13.91
N SER A 164 21.84 -10.10 -15.05
CA SER A 164 21.14 -11.11 -15.84
C SER A 164 22.11 -12.03 -16.57
N SER A 165 23.32 -11.56 -16.87
CA SER A 165 24.32 -12.49 -17.36
C SER A 165 24.65 -13.50 -16.28
N MET A 166 24.94 -13.03 -15.08
CA MET A 166 25.29 -13.97 -14.03
C MET A 166 24.17 -14.94 -13.80
N THR A 167 22.96 -14.44 -13.63
CA THR A 167 21.82 -15.33 -13.46
C THR A 167 21.78 -16.38 -14.58
N LYS A 168 21.98 -15.97 -15.82
CA LYS A 168 21.93 -16.96 -16.90
C LYS A 168 23.05 -17.98 -16.75
N ILE A 169 24.27 -17.52 -16.51
CA ILE A 169 25.39 -18.44 -16.37
C ILE A 169 25.16 -19.43 -15.22
N LEU A 170 24.45 -19.02 -14.17
CA LEU A 170 24.22 -19.95 -13.06
C LEU A 170 23.34 -21.12 -13.47
N GLU A 171 22.32 -20.86 -14.30
CA GLU A 171 21.30 -21.86 -14.60
C GLU A 171 21.84 -23.25 -14.94
N PRO A 172 22.78 -23.42 -15.88
CA PRO A 172 23.29 -24.78 -16.15
C PRO A 172 23.85 -25.48 -14.92
N PHE A 173 24.58 -24.77 -14.04
CA PHE A 173 25.08 -25.43 -12.83
C PHE A 173 23.97 -25.64 -11.81
N ALA A 174 23.07 -24.67 -11.67
CA ALA A 174 21.98 -24.84 -10.72
C ALA A 174 21.17 -26.10 -11.01
N ALA A 175 21.18 -26.57 -12.27
CA ALA A 175 20.36 -27.72 -12.62
C ALA A 175 21.06 -29.02 -12.26
N GLN A 176 22.35 -29.11 -12.57
CA GLN A 176 23.14 -30.29 -12.22
C GLN A 176 23.25 -30.49 -10.72
N ASN A 177 23.11 -29.43 -9.92
CA ASN A 177 23.31 -29.51 -8.47
C ASN A 177 22.17 -28.87 -7.72
N PRO A 178 21.02 -29.55 -7.60
CA PRO A 178 19.89 -28.97 -6.87
C PRO A 178 20.04 -28.97 -5.35
N ASP A 179 21.08 -29.60 -4.83
CA ASP A 179 21.27 -29.61 -3.38
C ASP A 179 21.98 -28.36 -2.87
N ILE A 180 22.55 -27.55 -3.76
CA ILE A 180 23.25 -26.36 -3.31
C ILE A 180 22.39 -25.15 -3.60
N VAL A 181 22.72 -24.04 -2.94
CA VAL A 181 21.89 -22.85 -2.94
C VAL A 181 22.79 -21.66 -3.21
N ILE A 182 22.61 -21.00 -4.35
CA ILE A 182 23.34 -19.77 -4.63
C ILE A 182 22.42 -18.56 -4.42
N TYR A 183 22.85 -17.64 -3.54
CA TYR A 183 22.31 -16.30 -3.45
C TYR A 183 23.17 -15.40 -4.31
N GLN A 184 22.53 -14.48 -5.05
CA GLN A 184 23.26 -13.46 -5.78
C GLN A 184 23.08 -12.10 -5.08
N TYR A 185 24.17 -11.32 -5.10
CA TYR A 185 24.16 -9.96 -4.58
C TYR A 185 25.26 -9.21 -5.30
N MET A 186 24.88 -8.22 -6.08
CA MET A 186 25.82 -7.38 -6.80
C MET A 186 26.87 -8.28 -7.43
N ASP A 187 28.11 -8.18 -6.95
CA ASP A 187 29.23 -8.91 -7.53
C ASP A 187 29.64 -10.12 -6.71
N ASP A 188 28.80 -10.57 -5.78
CA ASP A 188 29.16 -11.68 -4.91
C ASP A 188 28.22 -12.84 -5.18
N LEU A 189 28.71 -14.05 -4.83
CA LEU A 189 27.88 -15.24 -4.77
C LEU A 189 28.02 -15.81 -3.38
N TYR A 190 26.88 -16.19 -2.78
CA TYR A 190 26.86 -16.80 -1.46
C TYR A 190 26.22 -18.17 -1.66
N VAL A 191 27.00 -19.21 -1.38
CA VAL A 191 26.63 -20.58 -1.71
C VAL A 191 26.58 -21.36 -0.41
N GLY A 192 25.41 -21.90 -0.09
CA GLY A 192 25.24 -22.75 1.07
C GLY A 192 24.99 -24.16 0.58
N SER A 193 25.10 -25.10 1.52
CA SER A 193 24.85 -26.50 1.21
C SER A 193 24.85 -27.30 2.51
N ASP A 194 24.14 -28.42 2.49
CA ASP A 194 24.11 -29.34 3.62
C ASP A 194 24.78 -30.67 3.26
N LEU A 195 25.85 -30.58 2.47
CA LEU A 195 26.67 -31.73 2.14
C LEU A 195 27.91 -31.71 3.00
N GLU A 196 28.38 -32.91 3.39
CA GLU A 196 29.62 -33.06 4.15
C GLU A 196 30.70 -32.16 3.56
N ILE A 197 31.49 -31.54 4.45
CA ILE A 197 32.39 -30.45 4.04
C ILE A 197 33.29 -30.84 2.86
N GLY A 198 33.55 -32.13 2.68
CA GLY A 198 34.35 -32.54 1.53
C GLY A 198 33.61 -32.36 0.22
N GLN A 199 32.37 -32.85 0.16
CA GLN A 199 31.56 -32.66 -1.04
C GLN A 199 31.38 -31.17 -1.34
N HIS A 200 31.02 -30.39 -0.32
CA HIS A 200 30.77 -28.96 -0.50
C HIS A 200 32.00 -28.26 -1.06
N ARG A 201 33.18 -28.54 -0.49
CA ARG A 201 34.40 -27.94 -1.04
C ARG A 201 34.67 -28.43 -2.46
N THR A 202 34.26 -29.65 -2.81
CA THR A 202 34.39 -30.13 -4.18
C THR A 202 33.48 -29.35 -5.12
N LYS A 203 32.22 -29.16 -4.72
CA LYS A 203 31.26 -28.43 -5.53
C LYS A 203 31.65 -26.96 -5.66
N ILE A 204 32.20 -26.34 -4.61
CA ILE A 204 32.64 -24.96 -4.76
C ILE A 204 33.66 -24.87 -5.89
N GLU A 205 34.64 -25.77 -5.89
CA GLU A 205 35.60 -25.78 -6.98
C GLU A 205 34.95 -26.09 -8.32
N GLU A 206 33.88 -26.90 -8.33
CA GLU A 206 33.16 -27.15 -9.58
C GLU A 206 32.52 -25.86 -10.09
N LEU A 207 31.95 -25.08 -9.16
CA LEU A 207 31.41 -23.78 -9.52
C LEU A 207 32.50 -22.86 -10.03
N ARG A 208 33.58 -22.69 -9.27
CA ARG A 208 34.62 -21.77 -9.72
C ARG A 208 35.06 -22.11 -11.14
N GLN A 209 35.26 -23.40 -11.44
CA GLN A 209 35.70 -23.80 -12.78
C GLN A 209 34.62 -23.46 -13.81
N HIS A 210 33.37 -23.85 -13.52
CA HIS A 210 32.26 -23.43 -14.36
C HIS A 210 32.38 -21.95 -14.68
N LEU A 211 32.35 -21.11 -13.63
CA LEU A 211 32.42 -19.67 -13.82
C LEU A 211 33.64 -19.28 -14.64
N LEU A 212 34.80 -19.88 -14.31
CA LEU A 212 36.02 -19.48 -14.98
C LEU A 212 35.91 -19.70 -16.48
N ARG A 213 35.30 -20.82 -16.89
CA ARG A 213 35.08 -21.09 -18.30
C ARG A 213 34.09 -20.12 -18.92
N TRP A 214 33.28 -19.43 -18.12
CA TRP A 214 32.46 -18.33 -18.62
C TRP A 214 33.13 -16.97 -18.46
N GLY A 215 34.39 -16.94 -18.05
CA GLY A 215 35.13 -15.70 -18.02
C GLY A 215 34.97 -14.89 -16.76
N LEU A 216 34.61 -15.54 -15.64
CA LEU A 216 34.38 -14.89 -14.35
C LEU A 216 35.38 -15.45 -13.34
N THR A 217 36.44 -14.70 -13.07
CA THR A 217 37.38 -15.12 -12.05
C THR A 217 36.74 -15.05 -10.67
N THR A 218 37.31 -15.80 -9.73
CA THR A 218 36.66 -16.03 -8.45
C THR A 218 37.71 -16.54 -7.47
N PRO A 219 37.50 -16.34 -6.16
CA PRO A 219 38.58 -16.60 -5.17
C PRO A 219 38.83 -18.08 -4.92
N ASP A 220 40.11 -18.46 -4.92
CA ASP A 220 40.51 -19.83 -4.59
C ASP A 220 40.10 -20.15 -3.15
N LYS A 221 40.26 -21.42 -2.76
CA LYS A 221 39.93 -21.79 -1.39
C LYS A 221 40.82 -21.06 -0.40
N LYS A 222 42.07 -20.77 -0.79
CA LYS A 222 42.97 -20.06 0.11
C LYS A 222 42.44 -18.67 0.46
N HIS A 223 41.81 -18.00 -0.52
CA HIS A 223 41.31 -16.64 -0.41
C HIS A 223 39.81 -16.56 -0.17
N GLN A 224 39.13 -17.70 -0.02
CA GLN A 224 37.73 -17.73 0.35
C GLN A 224 37.57 -17.22 1.77
N LYS A 225 36.73 -16.19 1.95
CA LYS A 225 36.60 -15.55 3.25
C LYS A 225 36.11 -16.55 4.30
N GLU A 226 36.54 -16.34 5.54
CA GLU A 226 36.12 -17.23 6.59
C GLU A 226 35.17 -16.51 7.56
N PRO A 227 34.25 -17.25 8.17
CA PRO A 227 33.28 -16.63 9.08
C PRO A 227 33.94 -16.16 10.35
N PRO A 228 33.24 -15.36 11.16
CA PRO A 228 31.92 -14.75 10.89
C PRO A 228 32.06 -13.80 9.70
N PHE A 229 30.97 -13.47 9.01
CA PHE A 229 31.05 -12.66 7.80
C PHE A 229 30.63 -11.23 8.11
N LEU A 230 31.42 -10.28 7.63
CA LEU A 230 31.16 -8.85 7.82
C LEU A 230 30.50 -8.37 6.53
N TRP A 231 29.18 -8.47 6.50
CA TRP A 231 28.40 -8.26 5.29
C TRP A 231 27.30 -7.25 5.59
N MET A 232 27.30 -6.14 4.85
CA MET A 232 26.25 -5.13 4.93
C MET A 232 25.87 -4.79 6.38
N GLY A 233 26.90 -4.56 7.19
CA GLY A 233 26.68 -4.16 8.57
C GLY A 233 26.06 -5.23 9.43
N TYR A 234 26.46 -6.46 9.25
CA TYR A 234 25.96 -7.57 10.05
C TYR A 234 27.14 -8.42 10.48
N GLU A 235 26.93 -9.26 11.48
CA GLU A 235 27.90 -10.28 11.83
C GLU A 235 27.19 -11.62 11.62
N LEU A 236 27.67 -12.36 10.62
CA LEU A 236 27.06 -13.62 10.19
C LEU A 236 27.93 -14.77 10.69
N HIS A 237 27.58 -15.29 11.88
CA HIS A 237 28.25 -16.47 12.43
C HIS A 237 27.55 -17.72 11.93
N PRO A 238 28.26 -18.84 11.76
CA PRO A 238 27.62 -20.02 11.15
C PRO A 238 26.39 -20.53 11.90
N ASP A 239 26.10 -20.01 13.09
CA ASP A 239 24.89 -20.43 13.78
C ASP A 239 24.20 -19.25 14.45
N LYS A 240 24.60 -18.03 14.15
CA LYS A 240 24.04 -16.84 14.75
C LYS A 240 24.44 -15.63 13.93
N TRP A 241 23.61 -14.58 13.98
CA TRP A 241 23.85 -13.33 13.29
C TRP A 241 23.69 -12.20 14.27
N THR A 242 24.40 -11.10 14.03
CA THR A 242 24.24 -9.90 14.86
C THR A 242 24.65 -8.70 14.03
N VAL A 243 24.20 -7.53 14.46
CA VAL A 243 24.70 -6.31 13.87
C VAL A 243 26.19 -6.23 14.16
N GLN A 244 26.93 -5.58 13.25
CA GLN A 244 28.34 -5.33 13.49
C GLN A 244 28.50 -4.47 14.74
N PRO A 245 29.70 -4.38 15.30
CA PRO A 245 29.90 -3.51 16.47
C PRO A 245 29.39 -2.10 16.21
N ILE A 246 28.52 -1.63 17.10
CA ILE A 246 27.91 -0.31 17.02
C ILE A 246 28.53 0.56 18.11
N VAL A 247 28.96 1.76 17.74
CA VAL A 247 29.72 2.64 18.64
C VAL A 247 29.00 3.99 18.69
N LEU A 248 28.62 4.41 19.91
CA LEU A 248 27.92 5.67 20.12
C LEU A 248 28.84 6.69 20.77
N PRO A 249 29.07 7.85 20.15
CA PRO A 249 30.04 8.81 20.70
C PRO A 249 29.52 9.51 21.96
N GLU A 250 30.47 9.85 22.84
CA GLU A 250 30.21 10.68 24.02
C GLU A 250 30.76 12.07 23.70
N LYS A 251 29.90 12.93 23.18
CA LYS A 251 30.26 14.30 22.84
C LYS A 251 29.52 15.29 23.74
N ASP A 252 30.05 16.50 23.82
CA ASP A 252 29.42 17.57 24.58
C ASP A 252 28.38 18.32 23.74
N SER A 253 28.83 18.86 22.61
CA SER A 253 27.94 19.51 21.65
C SER A 253 27.42 18.51 20.63
N TRP A 254 26.25 18.81 20.06
CA TRP A 254 25.61 17.93 19.09
C TRP A 254 25.10 18.76 17.93
N THR A 255 25.46 18.35 16.72
CA THR A 255 25.00 19.02 15.51
C THR A 255 23.80 18.27 14.93
N VAL A 256 23.03 18.96 14.08
CA VAL A 256 21.94 18.30 13.37
C VAL A 256 22.43 16.98 12.79
N ASN A 257 23.51 17.04 12.00
CA ASN A 257 24.04 15.83 11.38
C ASN A 257 24.42 14.79 12.44
N ASP A 258 25.03 15.23 13.54
CA ASP A 258 25.41 14.28 14.57
C ASP A 258 24.20 13.56 15.15
N ILE A 259 23.07 14.25 15.27
CA ILE A 259 21.85 13.59 15.77
C ILE A 259 21.30 12.63 14.73
N GLN A 260 21.35 13.01 13.45
CA GLN A 260 20.90 12.11 12.40
C GLN A 260 21.68 10.80 12.41
N LYS A 261 23.01 10.88 12.48
CA LYS A 261 23.84 9.67 12.46
C LYS A 261 23.65 8.82 13.71
N LEU A 262 23.24 9.43 14.83
CA LEU A 262 23.07 8.62 16.04
C LEU A 262 21.77 7.84 16.02
N VAL A 263 20.65 8.51 15.74
CA VAL A 263 19.36 7.86 15.71
C VAL A 263 19.32 6.79 14.61
N GLY A 264 20.18 6.92 13.59
CA GLY A 264 20.29 5.87 12.60
C GLY A 264 21.01 4.64 13.14
N LYS A 265 22.17 4.84 13.76
CA LYS A 265 22.89 3.70 14.33
C LYS A 265 22.08 3.03 15.42
N LEU A 266 21.04 3.67 15.93
CA LEU A 266 20.23 3.07 16.98
C LEU A 266 19.12 2.20 16.42
N ASN A 267 18.30 2.76 15.52
CA ASN A 267 17.30 1.94 14.84
C ASN A 267 17.97 0.71 14.23
N TRP A 268 19.05 0.93 13.49
CA TRP A 268 19.87 -0.18 13.01
C TRP A 268 20.06 -1.24 14.08
N ALA A 269 20.38 -0.81 15.29
CA ALA A 269 20.66 -1.77 16.37
C ALA A 269 19.41 -2.47 16.84
N SER A 270 18.24 -1.89 16.55
CA SER A 270 16.97 -2.35 17.10
C SER A 270 16.38 -3.54 16.36
N GLN A 271 16.93 -3.93 15.21
CA GLN A 271 16.52 -5.21 14.64
C GLN A 271 16.87 -6.36 15.56
N ILE A 272 17.91 -6.23 16.39
CA ILE A 272 18.29 -7.36 17.24
C ILE A 272 18.46 -7.01 18.72
N TYR A 273 18.68 -5.74 19.11
CA TYR A 273 18.75 -5.38 20.54
C TYR A 273 17.38 -4.96 21.01
N PRO A 274 16.73 -5.72 21.89
CA PRO A 274 15.37 -5.36 22.29
C PRO A 274 15.34 -4.17 23.21
N GLY A 275 14.25 -3.42 23.14
CA GLY A 275 13.98 -2.36 24.06
C GLY A 275 14.51 -1.00 23.66
N ILE A 276 15.36 -0.91 22.65
CA ILE A 276 15.92 0.37 22.24
C ILE A 276 14.80 1.36 21.94
N LYS A 277 15.01 2.64 22.32
CA LYS A 277 14.00 3.68 22.11
C LYS A 277 14.63 4.87 21.37
N VAL A 278 13.80 5.57 20.60
CA VAL A 278 14.30 6.74 19.88
C VAL A 278 13.34 7.91 19.98
N ARG A 279 12.40 7.84 20.94
CA ARG A 279 11.33 8.83 21.06
C ARG A 279 11.88 10.24 21.28
N GLN A 280 12.54 10.46 22.43
CA GLN A 280 13.03 11.80 22.75
C GLN A 280 14.19 12.21 21.86
N LEU A 281 15.03 11.23 21.47
CA LEU A 281 16.19 11.52 20.64
C LEU A 281 15.79 12.19 19.34
N SER A 282 14.71 11.73 18.73
CA SER A 282 14.28 12.27 17.44
C SER A 282 13.33 13.46 17.58
N LYS A 283 12.63 13.57 18.70
CA LYS A 283 11.83 14.77 18.94
C LYS A 283 12.63 16.03 18.64
N LEU A 284 13.95 15.97 18.82
CA LEU A 284 14.81 17.13 18.63
C LEU A 284 14.91 17.52 17.17
N LEU A 285 15.29 16.57 16.30
CA LEU A 285 15.46 16.89 14.90
C LEU A 285 14.16 17.38 14.27
N ARG A 286 13.03 16.85 14.73
CA ARG A 286 11.73 17.25 14.22
C ARG A 286 11.43 18.72 14.45
N GLY A 287 12.24 19.41 15.26
CA GLY A 287 12.03 20.82 15.55
C GLY A 287 12.08 21.71 14.32
N THR A 288 13.19 21.65 13.58
CA THR A 288 13.32 22.44 12.35
C THR A 288 14.20 21.66 11.37
N LYS A 289 14.21 22.16 10.13
CA LYS A 289 15.00 21.59 9.05
C LYS A 289 16.46 22.08 9.06
N ALA A 290 16.92 22.68 10.17
CA ALA A 290 18.30 23.14 10.27
C ALA A 290 19.24 22.05 9.78
N LEU A 291 20.33 22.47 9.14
CA LEU A 291 21.26 21.54 8.50
C LEU A 291 22.44 21.18 9.39
N THR A 292 23.05 22.17 10.03
CA THR A 292 24.19 21.93 10.90
C THR A 292 24.13 22.80 12.16
N GLU A 293 22.96 23.38 12.45
CA GLU A 293 22.76 24.07 13.71
C GLU A 293 23.02 23.10 14.86
N VAL A 294 23.44 23.66 16.00
CA VAL A 294 23.68 22.88 17.20
C VAL A 294 22.42 22.89 18.05
N ILE A 295 22.04 21.73 18.58
CA ILE A 295 20.82 21.55 19.34
C ILE A 295 21.20 21.08 20.73
N PRO A 296 20.73 21.74 21.80
CA PRO A 296 21.08 21.28 23.15
C PRO A 296 20.43 19.93 23.45
N LEU A 297 21.25 18.96 23.83
CA LEU A 297 20.69 17.72 24.33
C LEU A 297 19.68 18.05 25.43
N THR A 298 18.44 17.65 25.22
CA THR A 298 17.40 17.80 26.23
C THR A 298 17.56 16.76 27.33
N GLU A 299 16.83 16.96 28.43
CA GLU A 299 17.04 16.11 29.61
C GLU A 299 16.48 14.71 29.38
N GLU A 300 15.24 14.60 28.89
CA GLU A 300 14.62 13.30 28.68
C GLU A 300 15.40 12.49 27.65
N ALA A 301 15.77 13.13 26.53
CA ALA A 301 16.63 12.49 25.54
C ALA A 301 17.86 11.89 26.22
N GLU A 302 18.45 12.62 27.16
CA GLU A 302 19.65 12.12 27.83
C GLU A 302 19.39 10.81 28.56
N LEU A 303 18.21 10.69 29.21
CA LEU A 303 17.90 9.43 29.87
C LEU A 303 17.74 8.30 28.85
N GLU A 304 17.07 8.59 27.73
CA GLU A 304 16.96 7.62 26.66
C GLU A 304 18.33 7.12 26.22
N LEU A 305 19.22 8.06 25.88
CA LEU A 305 20.54 7.66 25.40
C LEU A 305 21.25 6.80 26.44
N ALA A 306 21.05 7.13 27.71
CA ALA A 306 21.66 6.34 28.79
C ALA A 306 21.08 4.94 28.83
N GLU A 307 19.77 4.81 28.63
CA GLU A 307 19.14 3.48 28.63
C GLU A 307 19.59 2.68 27.43
N ASN A 308 19.61 3.32 26.24
CA ASN A 308 20.12 2.64 25.06
C ASN A 308 21.55 2.18 25.28
N ARG A 309 22.40 3.04 25.86
CA ARG A 309 23.79 2.67 26.09
C ARG A 309 23.89 1.45 27.00
N GLU A 310 22.90 1.26 27.88
CA GLU A 310 22.96 0.13 28.81
C GLU A 310 22.63 -1.19 28.11
N ILE A 311 21.58 -1.19 27.29
CA ILE A 311 21.22 -2.43 26.61
C ILE A 311 22.25 -2.77 25.53
N LEU A 312 22.92 -1.75 24.97
CA LEU A 312 23.99 -1.97 24.01
C LEU A 312 25.29 -2.46 24.65
N LYS A 313 25.44 -2.35 25.98
CA LYS A 313 26.73 -2.68 26.60
C LYS A 313 27.07 -4.14 26.44
N GLU A 314 26.08 -5.01 26.57
CA GLU A 314 26.18 -6.43 26.35
C GLU A 314 25.84 -6.78 24.88
N PRO A 315 26.52 -7.75 24.24
CA PRO A 315 26.18 -8.09 22.85
C PRO A 315 25.03 -9.08 22.74
N VAL A 316 24.16 -8.86 21.73
CA VAL A 316 22.97 -9.68 21.57
C VAL A 316 22.99 -10.36 20.20
N HIS A 317 22.47 -11.58 20.15
CA HIS A 317 22.47 -12.38 18.91
C HIS A 317 21.07 -12.86 18.56
N GLY A 318 20.88 -13.14 17.26
CA GLY A 318 19.69 -13.80 16.77
C GLY A 318 20.01 -15.13 16.11
N VAL A 319 19.03 -16.03 16.14
CA VAL A 319 19.02 -17.27 15.36
C VAL A 319 18.57 -16.97 13.94
N TYR A 320 18.69 -17.98 13.06
CA TYR A 320 18.19 -18.00 11.70
C TYR A 320 16.84 -18.76 11.63
N TYR A 321 16.30 -18.92 10.41
CA TYR A 321 14.95 -19.46 10.21
C TYR A 321 14.96 -20.95 10.00
N ASP A 322 14.02 -21.64 10.65
CA ASP A 322 13.76 -23.05 10.38
C ASP A 322 12.29 -23.25 10.02
N PRO A 323 11.96 -23.53 8.74
CA PRO A 323 10.55 -23.44 8.32
C PRO A 323 9.67 -24.50 8.94
N SER A 324 10.24 -25.58 9.46
CA SER A 324 9.45 -26.60 10.14
C SER A 324 8.87 -26.10 11.46
N LYS A 325 9.55 -25.17 12.11
CA LYS A 325 9.12 -24.65 13.41
C LYS A 325 8.37 -23.36 13.17
N ASP A 326 7.18 -23.22 13.75
CA ASP A 326 6.34 -22.09 13.38
C ASP A 326 6.97 -20.77 13.77
N LEU A 327 6.27 -19.68 13.46
CA LEU A 327 6.79 -18.32 13.58
C LEU A 327 5.92 -17.56 14.57
N ILE A 328 6.55 -16.87 15.53
CA ILE A 328 5.84 -16.16 16.59
C ILE A 328 6.29 -14.72 16.61
N ALA A 329 5.35 -13.82 16.88
CA ALA A 329 5.70 -12.42 17.13
C ALA A 329 5.07 -11.98 18.45
N GLU A 330 5.86 -11.33 19.29
CA GLU A 330 5.39 -10.87 20.59
C GLU A 330 5.60 -9.36 20.69
N ILE A 331 4.58 -8.68 21.22
CA ILE A 331 4.49 -7.22 21.24
C ILE A 331 4.43 -6.69 22.68
N GLN A 332 5.29 -5.72 22.98
CA GLN A 332 5.25 -5.01 24.25
C GLN A 332 4.95 -3.54 24.04
N LYS A 333 4.13 -2.96 24.91
CA LYS A 333 3.95 -1.51 24.95
C LYS A 333 5.04 -0.91 25.86
N GLN A 334 5.59 0.23 25.43
CA GLN A 334 6.69 0.87 26.14
C GLN A 334 6.30 2.19 26.78
N GLY A 335 5.49 2.99 26.11
CA GLY A 335 4.96 4.24 26.68
C GLY A 335 5.06 5.37 25.67
N GLN A 336 4.16 6.35 25.86
CA GLN A 336 4.14 7.51 24.96
C GLN A 336 4.22 7.03 23.51
N GLY A 337 3.37 6.06 23.18
CA GLY A 337 3.24 5.60 21.81
C GLY A 337 4.43 4.85 21.26
N GLN A 338 5.20 4.20 22.13
CA GLN A 338 6.34 3.37 21.73
C GLN A 338 6.03 1.91 22.01
N TRP A 339 6.23 1.06 21.00
CA TRP A 339 6.02 -0.38 21.14
C TRP A 339 7.30 -1.10 20.76
N THR A 340 7.48 -2.31 21.30
CA THR A 340 8.58 -3.17 20.89
C THR A 340 8.01 -4.54 20.59
N TYR A 341 8.69 -5.29 19.72
CA TYR A 341 8.21 -6.63 19.42
C TYR A 341 9.41 -7.52 19.13
N GLN A 342 9.19 -8.82 19.32
CA GLN A 342 10.22 -9.79 19.00
C GLN A 342 9.65 -10.86 18.06
N ILE A 343 10.51 -11.38 17.19
CA ILE A 343 10.13 -12.47 16.26
C ILE A 343 11.03 -13.66 16.54
N TYR A 344 10.42 -14.78 16.92
CA TYR A 344 11.20 -15.93 17.35
C TYR A 344 10.47 -17.21 16.97
N GLN A 345 11.20 -18.33 17.05
CA GLN A 345 10.61 -19.66 16.99
C GLN A 345 10.76 -20.46 18.25
N GLU A 346 11.79 -20.22 19.04
CA GLU A 346 11.90 -20.79 20.38
C GLU A 346 12.26 -19.74 21.41
N PRO A 347 12.13 -20.07 22.70
CA PRO A 347 12.04 -19.00 23.71
C PRO A 347 13.34 -18.28 24.05
N PHE A 348 14.53 -18.81 23.74
CA PHE A 348 15.71 -18.15 24.30
C PHE A 348 16.54 -17.36 23.31
N LYS A 349 16.32 -17.50 22.02
CA LYS A 349 16.90 -16.62 21.02
C LYS A 349 15.79 -16.10 20.11
N ASN A 350 15.90 -14.83 19.67
CA ASN A 350 14.98 -14.20 18.73
C ASN A 350 15.54 -14.31 17.32
N LEU A 351 14.64 -14.45 16.32
CA LEU A 351 15.05 -14.24 14.93
C LEU A 351 15.42 -12.77 14.71
N LYS A 352 14.55 -11.85 15.12
CA LYS A 352 14.90 -10.44 15.12
C LYS A 352 13.92 -9.69 16.04
N THR A 353 14.20 -8.41 16.24
CA THR A 353 13.42 -7.53 17.11
C THR A 353 13.11 -6.25 16.36
N GLY A 354 12.33 -5.37 16.97
CA GLY A 354 12.09 -4.08 16.39
C GLY A 354 11.06 -3.28 17.18
N LYS A 355 10.85 -2.05 16.71
CA LYS A 355 9.97 -1.10 17.38
C LYS A 355 9.02 -0.50 16.37
N TYR A 356 7.83 -0.16 16.86
CA TYR A 356 6.88 0.68 16.17
C TYR A 356 6.67 1.97 16.98
N ALA A 357 6.33 3.06 16.28
CA ALA A 357 6.07 4.34 16.93
C ALA A 357 4.84 5.02 16.33
N ARG A 358 4.12 5.78 17.17
CA ARG A 358 2.94 6.53 16.73
C ARG A 358 3.35 7.73 15.90
N MET A 359 2.71 7.90 14.74
CA MET A 359 3.12 8.92 13.77
C MET A 359 3.04 10.34 14.33
N THR A 364 -4.08 9.14 19.75
CA THR A 364 -4.60 7.90 19.21
C THR A 364 -4.85 6.94 20.36
N ASN A 365 -5.72 5.97 20.08
CA ASN A 365 -6.14 4.98 21.06
C ASN A 365 -5.06 3.92 21.23
N ASP A 366 -4.84 3.47 22.47
CA ASP A 366 -3.88 2.41 22.73
C ASP A 366 -4.11 1.21 21.82
N VAL A 367 -5.39 0.81 21.64
CA VAL A 367 -5.70 -0.36 20.84
C VAL A 367 -5.45 -0.10 19.36
N LYS A 368 -5.83 1.07 18.86
CA LYS A 368 -5.59 1.34 17.45
C LYS A 368 -4.10 1.18 17.15
N GLN A 369 -3.25 1.79 17.97
CA GLN A 369 -1.82 1.65 17.77
C GLN A 369 -1.41 0.19 17.69
N LEU A 370 -1.89 -0.63 18.64
CA LEU A 370 -1.57 -2.04 18.61
C LEU A 370 -1.88 -2.63 17.24
N THR A 371 -3.11 -2.39 16.75
CA THR A 371 -3.50 -2.82 15.41
C THR A 371 -2.48 -2.36 14.38
N GLU A 372 -2.12 -1.08 14.41
CA GLU A 372 -1.13 -0.65 13.43
C GLU A 372 0.17 -1.42 13.58
N ALA A 373 0.54 -1.81 14.82
CA ALA A 373 1.80 -2.55 15.00
C ALA A 373 1.71 -3.97 14.44
N VAL A 374 0.57 -4.63 14.67
CA VAL A 374 0.35 -5.95 14.09
C VAL A 374 0.42 -5.88 12.57
N GLN A 375 -0.02 -4.76 11.96
CA GLN A 375 0.19 -4.55 10.53
C GLN A 375 1.67 -4.45 10.22
N LYS A 376 2.39 -3.54 10.89
CA LYS A 376 3.80 -3.37 10.56
C LYS A 376 4.52 -4.70 10.59
N ILE A 377 4.27 -5.49 11.64
CA ILE A 377 4.96 -6.77 11.74
C ILE A 377 4.53 -7.69 10.63
N THR A 378 3.22 -7.74 10.37
CA THR A 378 2.65 -8.60 9.34
C THR A 378 3.28 -8.33 7.99
N THR A 379 3.35 -7.08 7.59
CA THR A 379 4.01 -6.77 6.32
C THR A 379 5.46 -7.26 6.34
N GLU A 380 6.18 -7.01 7.44
CA GLU A 380 7.59 -7.37 7.51
C GLU A 380 7.78 -8.88 7.43
N SER A 381 6.98 -9.64 8.20
CA SER A 381 7.01 -11.10 8.09
C SER A 381 6.84 -11.56 6.65
N ILE A 382 5.81 -11.06 5.98
CA ILE A 382 5.58 -11.49 4.61
C ILE A 382 6.82 -11.27 3.78
N VAL A 383 7.44 -10.10 3.92
CA VAL A 383 8.65 -9.80 3.15
C VAL A 383 9.75 -10.79 3.49
N ILE A 384 9.96 -11.06 4.78
CA ILE A 384 11.19 -11.77 5.17
C ILE A 384 11.05 -13.29 5.04
N TRP A 385 9.86 -13.84 5.32
CA TRP A 385 9.72 -15.30 5.35
C TRP A 385 8.63 -15.85 4.46
N GLY A 386 7.73 -15.01 3.96
CA GLY A 386 6.66 -15.51 3.11
C GLY A 386 5.44 -16.03 3.83
N LYS A 387 5.35 -15.85 5.16
CA LYS A 387 4.14 -16.17 5.91
C LYS A 387 3.91 -15.09 6.96
N THR A 388 2.78 -15.19 7.63
CA THR A 388 2.59 -14.23 8.71
C THR A 388 2.79 -14.92 10.05
N PRO A 389 3.20 -14.20 11.08
CA PRO A 389 3.34 -14.82 12.40
C PRO A 389 1.98 -15.18 12.99
N LYS A 390 2.01 -16.11 13.94
CA LYS A 390 0.98 -16.13 14.97
C LYS A 390 1.41 -15.13 16.02
N PHE A 391 0.46 -14.41 16.61
CA PHE A 391 0.79 -13.28 17.48
C PHE A 391 0.49 -13.62 18.94
N LYS A 392 1.39 -13.18 19.84
CA LYS A 392 1.14 -13.15 21.28
C LYS A 392 0.93 -11.69 21.68
N LEU A 393 -0.26 -11.36 22.18
CA LEU A 393 -0.59 -9.95 22.33
C LEU A 393 -1.07 -9.58 23.73
N PRO A 394 -0.62 -8.43 24.26
CA PRO A 394 -1.08 -7.99 25.59
C PRO A 394 -2.46 -7.35 25.56
N ILE A 395 -3.46 -8.12 25.17
CA ILE A 395 -4.82 -7.57 25.26
C ILE A 395 -5.81 -8.69 25.44
N GLN A 396 -6.79 -8.48 26.30
CA GLN A 396 -7.83 -9.47 26.52
C GLN A 396 -8.70 -9.59 25.27
N LYS A 397 -9.02 -10.83 24.91
CA LYS A 397 -9.83 -11.02 23.70
C LYS A 397 -11.11 -10.21 23.79
N GLU A 398 -11.73 -10.15 24.98
CA GLU A 398 -12.99 -9.42 25.09
C GLU A 398 -12.79 -7.93 24.83
N THR A 399 -11.61 -7.39 25.17
CA THR A 399 -11.32 -6.00 24.88
C THR A 399 -11.30 -5.77 23.38
N TRP A 400 -10.54 -6.60 22.65
CA TRP A 400 -10.42 -6.44 21.21
C TRP A 400 -11.78 -6.54 20.52
N GLU A 401 -12.53 -7.60 20.81
CA GLU A 401 -13.83 -7.79 20.16
C GLU A 401 -14.72 -6.58 20.37
N THR A 402 -14.61 -5.93 21.53
CA THR A 402 -15.43 -4.77 21.80
C THR A 402 -15.01 -3.59 20.95
N TRP A 403 -13.70 -3.34 20.84
CA TRP A 403 -13.23 -2.16 20.13
C TRP A 403 -13.49 -2.26 18.62
N TRP A 404 -13.16 -3.40 18.00
CA TRP A 404 -13.30 -3.47 16.55
C TRP A 404 -14.76 -3.46 16.14
N THR A 405 -15.61 -4.15 16.89
CA THR A 405 -17.03 -4.17 16.52
C THR A 405 -17.60 -2.75 16.50
N GLU A 406 -17.03 -1.83 17.24
CA GLU A 406 -17.58 -0.48 17.31
C GLU A 406 -16.77 0.55 16.53
N TYR A 407 -15.60 0.19 16.02
CA TYR A 407 -14.75 1.11 15.30
C TYR A 407 -15.26 1.33 13.87
N TRP A 408 -15.08 2.56 13.40
CA TRP A 408 -15.61 2.93 12.08
C TRP A 408 -14.79 2.37 10.92
N GLN A 409 -13.53 2.01 11.14
CA GLN A 409 -12.75 1.35 10.10
C GLN A 409 -12.97 -0.16 10.19
N ALA A 410 -12.83 -0.83 9.05
CA ALA A 410 -12.70 -2.28 9.07
C ALA A 410 -11.28 -2.62 9.48
N THR A 411 -11.14 -3.71 10.23
CA THR A 411 -9.84 -4.06 10.78
C THR A 411 -9.71 -5.56 10.86
N TRP A 412 -8.51 -6.05 10.63
CA TRP A 412 -8.23 -7.48 10.58
C TRP A 412 -7.15 -7.83 11.59
N ILE A 413 -7.34 -8.99 12.23
CA ILE A 413 -6.52 -9.44 13.35
C ILE A 413 -6.12 -10.89 13.12
N PRO A 414 -4.96 -11.17 12.48
CA PRO A 414 -4.58 -12.57 12.23
C PRO A 414 -4.58 -13.38 13.52
N GLU A 415 -4.49 -14.71 13.44
CA GLU A 415 -4.64 -15.51 14.65
C GLU A 415 -3.70 -15.01 15.74
N TRP A 416 -4.25 -14.78 16.94
CA TRP A 416 -3.49 -14.20 18.03
C TRP A 416 -3.88 -14.85 19.36
N GLU A 417 -3.01 -14.68 20.36
CA GLU A 417 -3.25 -15.16 21.71
C GLU A 417 -2.95 -14.06 22.72
N PHE A 418 -3.75 -14.05 23.79
CA PHE A 418 -3.56 -13.16 24.95
C PHE A 418 -2.35 -13.58 25.76
N VAL A 419 -1.53 -12.61 26.16
CA VAL A 419 -0.39 -12.87 27.03
C VAL A 419 -0.47 -11.90 28.23
N ASN A 420 -0.69 -12.43 29.44
CA ASN A 420 -0.96 -11.61 30.61
C ASN A 420 0.31 -11.01 31.18
N THR A 421 1.04 -10.30 30.31
CA THR A 421 2.28 -9.63 30.66
C THR A 421 2.12 -8.13 30.57
N PRO A 422 1.89 -7.44 31.68
CA PRO A 422 1.68 -5.96 31.63
C PRO A 422 2.91 -5.21 31.15
N PRO A 423 2.75 -3.94 30.73
CA PRO A 423 1.52 -3.15 30.81
C PRO A 423 0.46 -3.66 29.87
N LEU A 424 -0.59 -4.28 30.38
CA LEU A 424 -1.64 -4.75 29.50
C LEU A 424 -2.20 -3.56 28.71
N VAL A 425 -2.94 -3.87 27.64
CA VAL A 425 -3.54 -2.83 26.80
C VAL A 425 -5.05 -2.86 27.05
N LYS A 426 -5.60 -1.72 27.48
CA LYS A 426 -6.99 -1.65 27.91
C LYS A 426 -7.63 -0.42 27.31
N LEU A 427 -8.95 -0.45 27.24
CA LEU A 427 -9.75 0.74 27.02
C LEU A 427 -10.13 1.33 28.38
N TRP A 428 -10.02 2.66 28.50
CA TRP A 428 -10.04 3.28 29.82
C TRP A 428 -11.39 3.88 30.19
N TYR A 429 -12.28 4.10 29.23
CA TYR A 429 -13.61 4.60 29.51
C TYR A 429 -14.47 4.32 28.30
N GLN A 430 -15.78 4.26 28.51
CA GLN A 430 -16.68 4.21 27.39
C GLN A 430 -17.84 5.17 27.60
N LEU A 431 -18.26 5.80 26.51
CA LEU A 431 -19.33 6.77 26.55
C LEU A 431 -20.67 6.03 26.50
N GLU A 432 -21.68 6.65 27.09
CA GLU A 432 -23.01 6.05 27.07
C GLU A 432 -23.62 6.12 25.68
N LYS A 433 -24.36 5.08 25.32
CA LYS A 433 -25.05 5.04 24.04
C LYS A 433 -26.29 5.91 24.03
N GLU A 434 -26.97 6.05 25.17
CA GLU A 434 -28.17 6.89 25.28
C GLU A 434 -28.11 7.74 26.53
N PRO A 435 -28.78 8.90 26.54
CA PRO A 435 -28.66 9.81 27.68
C PRO A 435 -29.08 9.15 29.00
N ILE A 436 -28.55 9.68 30.09
CA ILE A 436 -28.72 9.08 31.41
C ILE A 436 -29.90 9.73 32.13
N VAL A 437 -30.82 8.91 32.61
CA VAL A 437 -31.89 9.34 33.49
C VAL A 437 -31.31 9.56 34.89
N GLY A 438 -31.80 10.60 35.57
CA GLY A 438 -31.21 10.92 36.86
C GLY A 438 -29.75 11.30 36.74
N ALA A 439 -29.42 12.11 35.74
CA ALA A 439 -28.11 12.73 35.60
C ALA A 439 -28.29 14.16 35.11
N GLU A 440 -27.57 15.10 35.71
CA GLU A 440 -27.70 16.49 35.28
C GLU A 440 -27.24 16.60 33.83
N THR A 441 -27.90 17.47 33.07
CA THR A 441 -27.58 17.67 31.66
C THR A 441 -26.89 19.01 31.49
N PHE A 442 -25.72 19.02 30.84
CA PHE A 442 -24.92 20.23 30.70
C PHE A 442 -24.95 20.73 29.26
N TYR A 443 -25.25 22.01 29.09
CA TYR A 443 -25.28 22.64 27.77
C TYR A 443 -24.06 23.54 27.65
N VAL A 444 -22.91 22.92 27.22
CA VAL A 444 -21.60 23.56 27.16
C VAL A 444 -21.46 24.31 25.84
N ASP A 445 -20.64 25.37 25.84
CA ASP A 445 -20.10 25.94 24.61
C ASP A 445 -18.84 26.72 24.95
N GLY A 446 -18.15 27.17 23.89
CA GLY A 446 -16.90 27.90 24.05
C GLY A 446 -16.64 28.72 22.81
N ALA A 447 -15.58 29.52 22.87
CA ALA A 447 -15.28 30.41 21.75
C ALA A 447 -13.97 31.14 22.01
N ALA A 448 -13.53 31.88 21.00
CA ALA A 448 -12.36 32.73 21.09
C ALA A 448 -12.36 33.63 19.87
N ASN A 449 -11.42 34.56 19.84
CA ASN A 449 -11.30 35.50 18.73
C ASN A 449 -9.99 35.25 18.02
N ARG A 450 -10.07 35.10 16.69
CA ARG A 450 -8.86 34.88 15.90
C ARG A 450 -7.76 35.83 16.32
N GLU A 451 -8.02 37.14 16.15
CA GLU A 451 -6.99 38.14 16.42
C GLU A 451 -6.74 38.28 17.91
N THR A 452 -7.81 38.43 18.72
CA THR A 452 -7.61 38.81 20.12
C THR A 452 -6.93 37.71 20.93
N LYS A 453 -7.22 36.45 20.63
CA LYS A 453 -6.64 35.29 21.29
C LYS A 453 -7.14 35.09 22.72
N LEU A 454 -8.16 35.83 23.12
CA LEU A 454 -8.85 35.58 24.37
C LEU A 454 -10.06 34.70 24.11
N GLY A 455 -10.49 33.97 25.14
CA GLY A 455 -11.60 33.05 24.97
C GLY A 455 -12.45 32.92 26.21
N LYS A 456 -13.62 32.33 26.02
CA LYS A 456 -14.58 32.07 27.10
C LYS A 456 -15.13 30.66 26.95
N ALA A 457 -15.31 29.97 28.07
CA ALA A 457 -15.93 28.66 28.06
C ALA A 457 -16.86 28.57 29.24
N GLY A 458 -18.00 27.91 29.06
CA GLY A 458 -18.88 27.71 30.18
C GLY A 458 -19.97 26.73 29.88
N TYR A 459 -20.91 26.60 30.81
CA TYR A 459 -22.04 25.69 30.64
C TYR A 459 -23.30 26.29 31.24
N VAL A 460 -24.40 25.57 31.03
CA VAL A 460 -25.69 25.86 31.63
C VAL A 460 -26.46 24.55 31.75
N THR A 461 -26.76 24.13 32.97
CA THR A 461 -27.36 22.83 33.21
C THR A 461 -28.86 22.97 33.36
N ASN A 462 -29.55 21.83 33.32
CA ASN A 462 -31.01 21.87 33.39
C ASN A 462 -31.47 22.32 34.78
N LYS A 463 -30.74 21.92 35.83
CA LYS A 463 -31.01 22.39 37.19
C LYS A 463 -30.80 23.89 37.37
N GLY A 464 -30.45 24.64 36.31
CA GLY A 464 -30.24 26.08 36.40
C GLY A 464 -28.83 26.53 36.70
N ARG A 465 -27.88 25.61 36.85
CA ARG A 465 -26.50 25.96 37.16
C ARG A 465 -25.82 26.55 35.92
N GLN A 466 -24.84 27.41 36.16
CA GLN A 466 -24.22 28.15 35.07
C GLN A 466 -22.82 28.56 35.46
N LYS A 467 -21.91 28.50 34.50
CA LYS A 467 -20.55 28.97 34.71
C LYS A 467 -20.02 29.58 33.44
N VAL A 468 -19.05 30.47 33.60
CA VAL A 468 -18.29 31.04 32.51
C VAL A 468 -16.89 31.28 33.06
N VAL A 469 -15.87 30.91 32.29
CA VAL A 469 -14.47 31.07 32.73
C VAL A 469 -13.74 31.84 31.65
N PRO A 470 -13.00 32.89 31.97
CA PRO A 470 -12.23 33.57 30.93
C PRO A 470 -10.97 32.77 30.58
N LEU A 471 -10.52 32.94 29.34
CA LEU A 471 -9.35 32.19 28.84
C LEU A 471 -8.44 33.06 28.00
N THR A 472 -7.14 32.98 28.29
CA THR A 472 -6.11 33.64 27.51
C THR A 472 -5.33 32.59 26.71
N ASN A 473 -4.93 32.96 25.49
CA ASN A 473 -4.07 32.11 24.65
C ASN A 473 -4.78 30.82 24.28
N THR A 474 -5.96 30.98 23.67
CA THR A 474 -6.83 29.85 23.39
C THR A 474 -7.38 29.96 21.99
N THR A 475 -7.97 28.85 21.53
CA THR A 475 -8.45 28.73 20.17
C THR A 475 -9.90 28.25 20.22
N ASN A 476 -10.67 28.62 19.20
CA ASN A 476 -12.04 28.15 19.11
C ASN A 476 -12.08 26.65 19.40
N GLN A 477 -11.06 25.92 18.99
CA GLN A 477 -11.07 24.49 19.25
C GLN A 477 -10.57 24.19 20.67
N LYS A 478 -9.58 24.93 21.16
CA LYS A 478 -9.09 24.60 22.50
C LYS A 478 -10.09 24.98 23.59
N THR A 479 -10.96 25.99 23.35
CA THR A 479 -12.02 26.31 24.30
C THR A 479 -13.19 25.32 24.23
N GLU A 480 -13.56 24.88 23.03
CA GLU A 480 -14.63 23.89 22.94
C GLU A 480 -14.28 22.64 23.75
N LEU A 481 -13.00 22.36 23.96
CA LEU A 481 -12.62 21.27 24.84
C LEU A 481 -12.57 21.71 26.29
N GLN A 482 -12.22 22.98 26.53
CA GLN A 482 -12.32 23.52 27.88
C GLN A 482 -13.77 23.50 28.37
N ALA A 483 -14.73 23.86 27.51
CA ALA A 483 -16.13 23.76 27.90
C ALA A 483 -16.44 22.36 28.42
N ILE A 484 -16.04 21.34 27.68
CA ILE A 484 -16.35 19.99 28.12
C ILE A 484 -15.64 19.68 29.43
N TYR A 485 -14.42 20.19 29.61
CA TYR A 485 -13.71 19.87 30.85
C TYR A 485 -14.38 20.55 32.04
N LEU A 486 -14.98 21.73 31.83
CA LEU A 486 -15.74 22.37 32.90
C LEU A 486 -16.91 21.53 33.35
N ALA A 487 -17.65 20.93 32.42
CA ALA A 487 -18.81 20.17 32.84
C ALA A 487 -18.39 18.89 33.54
N LEU A 488 -17.21 18.37 33.21
CA LEU A 488 -16.77 17.18 33.91
C LEU A 488 -16.23 17.53 35.29
N GLN A 489 -15.56 18.67 35.42
CA GLN A 489 -15.06 19.06 36.73
C GLN A 489 -16.20 19.27 37.72
N ASP A 490 -17.29 19.90 37.27
CA ASP A 490 -18.40 20.33 38.12
C ASP A 490 -19.60 19.39 38.07
N SER A 491 -19.44 18.08 37.95
CA SER A 491 -20.59 17.20 37.78
C SER A 491 -20.48 16.01 38.72
N GLY A 492 -21.61 15.35 38.92
CA GLY A 492 -21.64 14.10 39.65
C GLY A 492 -20.99 12.99 38.84
N LEU A 493 -21.18 11.76 39.33
CA LEU A 493 -20.61 10.57 38.71
C LEU A 493 -21.36 10.15 37.45
N GLU A 494 -22.47 10.79 37.11
CA GLU A 494 -23.21 10.51 35.88
C GLU A 494 -23.62 11.84 35.30
N VAL A 495 -23.21 12.13 34.07
CA VAL A 495 -23.46 13.45 33.50
C VAL A 495 -23.81 13.32 32.02
N ASN A 496 -24.76 14.14 31.59
CA ASN A 496 -25.09 14.32 30.18
C ASN A 496 -24.51 15.65 29.72
N ILE A 497 -23.66 15.61 28.68
CA ILE A 497 -23.04 16.82 28.14
C ILE A 497 -23.56 17.00 26.72
N VAL A 498 -23.71 18.26 26.30
CA VAL A 498 -24.28 18.59 25.01
C VAL A 498 -23.46 19.70 24.40
N THR A 499 -22.90 19.48 23.19
CA THR A 499 -21.98 20.45 22.60
C THR A 499 -22.27 20.65 21.12
N ASP A 500 -22.02 21.87 20.63
CA ASP A 500 -22.20 22.18 19.21
C ASP A 500 -20.90 22.05 18.41
N SER A 501 -19.91 21.34 18.93
CA SER A 501 -18.59 21.30 18.34
C SER A 501 -18.32 19.86 17.94
N GLN A 502 -18.40 19.60 16.64
CA GLN A 502 -18.02 18.29 16.13
C GLN A 502 -16.55 18.00 16.43
N TYR A 503 -15.71 19.02 16.38
CA TYR A 503 -14.31 18.82 16.70
C TYR A 503 -14.16 18.14 18.06
N ALA A 504 -14.80 18.69 19.09
CA ALA A 504 -14.65 18.15 20.43
C ALA A 504 -15.33 16.79 20.56
N LEU A 505 -16.52 16.66 19.99
CA LEU A 505 -17.16 15.34 19.93
C LEU A 505 -16.26 14.32 19.25
N GLY A 506 -15.59 14.71 18.16
CA GLY A 506 -14.72 13.78 17.48
C GLY A 506 -13.58 13.29 18.36
N ILE A 507 -12.91 14.22 19.04
CA ILE A 507 -11.73 13.86 19.83
C ILE A 507 -12.13 12.89 20.93
N ILE A 508 -13.24 13.18 21.63
CA ILE A 508 -13.63 12.35 22.75
C ILE A 508 -14.12 11.00 22.28
N GLN A 509 -14.93 10.98 21.21
CA GLN A 509 -15.44 9.72 20.69
C GLN A 509 -14.34 8.79 20.25
N ALA A 510 -13.20 9.36 19.81
CA ALA A 510 -12.04 8.58 19.37
C ALA A 510 -11.42 7.75 20.49
N GLN A 511 -12.00 7.83 21.69
CA GLN A 511 -11.49 7.23 22.93
C GLN A 511 -9.97 7.32 23.05
N PRO A 512 -9.38 8.50 22.83
CA PRO A 512 -7.92 8.59 22.91
C PRO A 512 -7.46 8.14 24.29
N ASP A 513 -6.26 7.56 24.32
CA ASP A 513 -5.72 7.06 25.58
C ASP A 513 -4.77 8.05 26.23
N LYS A 514 -4.23 8.97 25.46
CA LYS A 514 -3.34 9.99 25.98
C LYS A 514 -2.99 10.91 24.85
N SER A 515 -2.16 11.92 25.10
CA SER A 515 -1.75 12.84 24.05
C SER A 515 -0.60 13.69 24.57
N GLU A 516 -0.13 14.58 23.71
CA GLU A 516 0.71 15.71 24.11
C GLU A 516 -0.14 16.88 24.63
N SER A 517 -1.38 17.02 24.14
CA SER A 517 -2.31 18.05 24.60
C SER A 517 -2.72 17.75 26.04
N GLU A 518 -2.22 18.56 26.98
CA GLU A 518 -2.51 18.31 28.39
C GLU A 518 -3.98 18.52 28.72
N LEU A 519 -4.63 19.46 28.05
CA LEU A 519 -6.08 19.58 28.17
C LEU A 519 -6.73 18.22 28.02
N VAL A 520 -6.53 17.59 26.86
CA VAL A 520 -7.11 16.29 26.54
C VAL A 520 -6.73 15.24 27.59
N ASN A 521 -5.51 15.31 28.13
CA ASN A 521 -5.15 14.38 29.20
C ASN A 521 -6.02 14.59 30.43
N GLN A 522 -6.27 15.85 30.83
CA GLN A 522 -7.14 16.13 31.97
C GLN A 522 -8.55 15.62 31.72
N ILE A 523 -9.10 15.92 30.52
CA ILE A 523 -10.40 15.37 30.13
C ILE A 523 -10.39 13.85 30.23
N ILE A 524 -9.28 13.22 29.85
CA ILE A 524 -9.25 11.77 29.93
C ILE A 524 -9.31 11.33 31.38
N GLU A 525 -8.53 11.98 32.26
CA GLU A 525 -8.54 11.59 33.67
C GLU A 525 -9.90 11.87 34.30
N GLN A 526 -10.62 12.90 33.84
CA GLN A 526 -12.02 13.09 34.24
C GLN A 526 -12.89 11.93 33.78
N LEU A 527 -12.85 11.62 32.47
CA LEU A 527 -13.72 10.58 31.93
C LEU A 527 -13.45 9.22 32.59
N ILE A 528 -12.19 8.89 32.86
CA ILE A 528 -11.93 7.64 33.57
C ILE A 528 -12.50 7.71 34.98
N LYS A 529 -12.51 8.92 35.58
CA LYS A 529 -13.07 9.10 36.93
C LYS A 529 -14.59 8.98 36.94
N LYS A 530 -15.27 9.54 35.94
CA LYS A 530 -16.73 9.54 35.94
C LYS A 530 -17.26 8.11 35.88
N GLU A 531 -18.51 7.94 36.25
CA GLU A 531 -19.13 6.62 36.23
C GLU A 531 -20.01 6.39 34.99
N LYS A 532 -20.71 7.41 34.51
CA LYS A 532 -21.49 7.30 33.28
C LYS A 532 -21.55 8.67 32.65
N VAL A 533 -21.02 8.77 31.43
CA VAL A 533 -21.07 10.00 30.64
C VAL A 533 -21.75 9.66 29.33
N TYR A 534 -22.72 10.49 28.95
CA TYR A 534 -23.29 10.47 27.62
C TYR A 534 -22.98 11.81 26.98
N LEU A 535 -22.33 11.77 25.83
CA LEU A 535 -21.98 12.95 25.07
C LEU A 535 -22.86 12.98 23.85
N ALA A 536 -23.47 14.12 23.57
CA ALA A 536 -24.43 14.22 22.49
C ALA A 536 -24.20 15.49 21.70
N TRP A 537 -24.53 15.45 20.42
CA TRP A 537 -24.24 16.55 19.52
C TRP A 537 -25.53 17.11 18.96
N VAL A 538 -25.59 18.43 18.86
CA VAL A 538 -26.72 19.13 18.25
C VAL A 538 -26.19 20.12 17.23
N PRO A 539 -26.96 20.45 16.18
CA PRO A 539 -26.56 21.52 15.28
C PRO A 539 -26.28 22.82 16.04
N ALA A 540 -25.18 23.47 15.69
CA ALA A 540 -24.86 24.78 16.25
C ALA A 540 -25.83 25.84 15.71
N HIS A 541 -26.10 26.86 16.53
CA HIS A 541 -26.90 28.02 16.10
C HIS A 541 -28.28 27.61 15.55
N LYS A 542 -28.87 26.57 16.15
CA LYS A 542 -30.17 26.09 15.73
C LYS A 542 -31.32 26.46 16.65
N GLY A 543 -31.03 26.87 17.89
CA GLY A 543 -32.06 27.31 18.83
C GLY A 543 -32.68 26.24 19.70
N ILE A 544 -31.88 25.30 20.22
CA ILE A 544 -32.39 24.27 21.13
C ILE A 544 -31.40 24.09 22.28
N GLY A 545 -31.68 24.72 23.44
CA GLY A 545 -30.82 24.61 24.63
C GLY A 545 -29.45 25.20 24.46
N GLY A 546 -29.07 25.64 23.28
CA GLY A 546 -27.81 26.28 22.97
C GLY A 546 -27.74 27.71 23.38
N ASN A 547 -28.73 28.19 24.13
CA ASN A 547 -28.67 29.51 24.74
C ASN A 547 -27.37 29.72 25.53
N GLU A 548 -26.63 28.63 25.83
CA GLU A 548 -25.32 28.74 26.47
C GLU A 548 -24.28 29.40 25.57
N GLN A 549 -24.50 29.45 24.25
CA GLN A 549 -23.57 30.15 23.38
C GLN A 549 -23.69 31.67 23.54
N VAL A 550 -24.87 32.16 23.93
CA VAL A 550 -25.03 33.60 24.18
C VAL A 550 -24.15 34.04 25.35
N ASP A 551 -24.15 33.27 26.45
CA ASP A 551 -23.36 33.62 27.63
C ASP A 551 -21.87 33.58 27.33
N LYS A 552 -21.39 32.55 26.60
CA LYS A 552 -19.99 32.49 26.19
C LYS A 552 -19.68 33.53 25.12
N LEU A 553 -20.66 33.84 24.26
CA LEU A 553 -20.46 34.86 23.21
C LEU A 553 -20.11 36.21 23.83
N ILE B 5 -3.32 -15.38 -37.38
CA ILE B 5 -4.16 -14.18 -37.25
C ILE B 5 -3.31 -12.91 -37.17
N GLU B 6 -3.73 -11.85 -37.85
CA GLU B 6 -2.99 -10.60 -37.81
C GLU B 6 -3.17 -9.90 -36.46
N THR B 7 -2.15 -9.13 -36.05
CA THR B 7 -2.19 -8.45 -34.77
C THR B 7 -2.65 -7.01 -34.95
N VAL B 8 -3.68 -6.64 -34.19
CA VAL B 8 -4.12 -5.25 -34.15
C VAL B 8 -3.03 -4.42 -33.49
N PRO B 9 -2.38 -3.51 -34.22
CA PRO B 9 -1.36 -2.63 -33.61
C PRO B 9 -1.96 -1.70 -32.57
N VAL B 10 -1.26 -1.56 -31.46
CA VAL B 10 -1.69 -0.79 -30.31
C VAL B 10 -0.68 0.32 -30.09
N LYS B 11 -1.07 1.56 -30.41
CA LYS B 11 -0.24 2.71 -30.07
C LYS B 11 -0.70 3.24 -28.72
N LEU B 12 0.25 3.76 -27.96
CA LEU B 12 -0.11 4.42 -26.70
C LEU B 12 -0.47 5.88 -26.95
N LYS B 13 -1.17 6.46 -25.98
CA LYS B 13 -1.38 7.89 -25.98
C LYS B 13 -0.02 8.60 -26.05
N PRO B 14 0.18 9.52 -26.99
CA PRO B 14 1.53 10.07 -27.16
C PRO B 14 1.99 10.82 -25.92
N GLY B 15 3.30 10.74 -25.66
CA GLY B 15 3.88 11.31 -24.46
C GLY B 15 3.69 10.47 -23.21
N MET B 16 3.08 9.30 -23.31
CA MET B 16 2.92 8.38 -22.19
C MET B 16 3.99 7.30 -22.29
N ASP B 17 4.62 7.00 -21.17
CA ASP B 17 5.50 5.86 -21.12
C ASP B 17 4.81 4.74 -20.34
N GLY B 18 5.26 3.50 -20.59
CA GLY B 18 4.61 2.32 -20.06
C GLY B 18 4.58 2.23 -18.57
N PRO B 19 3.82 1.27 -18.04
CA PRO B 19 3.69 1.13 -16.58
C PRO B 19 4.99 0.72 -15.90
N LYS B 20 5.19 1.25 -14.69
CA LYS B 20 6.37 1.00 -13.86
C LYS B 20 5.98 0.80 -12.40
N VAL B 21 5.04 -0.10 -12.12
CA VAL B 21 4.45 -0.26 -10.80
C VAL B 21 5.17 -1.36 -10.03
N LYS B 22 5.73 -1.03 -8.86
CA LYS B 22 6.44 -2.03 -8.07
C LYS B 22 5.50 -3.17 -7.69
N GLN B 23 6.07 -4.37 -7.58
CA GLN B 23 5.34 -5.60 -7.27
C GLN B 23 5.29 -5.78 -5.76
N TRP B 24 4.08 -6.00 -5.24
CA TRP B 24 3.93 -6.30 -3.81
C TRP B 24 4.63 -7.61 -3.45
N PRO B 25 5.03 -7.78 -2.20
CA PRO B 25 5.53 -9.08 -1.77
C PRO B 25 4.37 -10.01 -1.44
N LEU B 26 4.60 -11.31 -1.61
CA LEU B 26 3.52 -12.28 -1.48
C LEU B 26 3.90 -13.43 -0.56
N THR B 27 2.89 -14.03 0.07
CA THR B 27 3.12 -15.23 0.87
C THR B 27 3.73 -16.32 -0.01
N GLU B 28 4.56 -17.18 0.59
CA GLU B 28 5.23 -18.20 -0.21
C GLU B 28 4.24 -19.06 -0.98
N GLU B 29 3.10 -19.35 -0.36
CA GLU B 29 2.05 -20.16 -1.00
C GLU B 29 1.66 -19.55 -2.35
N LYS B 30 1.44 -18.24 -2.37
CA LYS B 30 1.05 -17.55 -3.60
C LYS B 30 2.22 -17.44 -4.59
N ILE B 31 3.47 -17.23 -4.13
CA ILE B 31 4.56 -17.26 -5.11
C ILE B 31 4.58 -18.61 -5.80
N LYS B 32 4.47 -19.68 -5.02
CA LYS B 32 4.52 -21.03 -5.57
C LYS B 32 3.41 -21.22 -6.58
N ALA B 33 2.21 -20.74 -6.25
CA ALA B 33 1.11 -20.85 -7.21
C ALA B 33 1.44 -20.10 -8.49
N LEU B 34 2.02 -18.91 -8.39
CA LEU B 34 2.29 -18.11 -9.57
C LEU B 34 3.35 -18.79 -10.42
N VAL B 35 4.38 -19.34 -9.80
CA VAL B 35 5.41 -20.02 -10.59
C VAL B 35 4.81 -21.20 -11.34
N GLU B 36 3.84 -21.89 -10.74
CA GLU B 36 3.20 -22.99 -11.41
C GLU B 36 2.44 -22.50 -12.66
N ILE B 37 1.49 -21.59 -12.45
CA ILE B 37 0.72 -21.01 -13.56
C ILE B 37 1.65 -20.57 -14.68
N CYS B 38 2.71 -19.83 -14.36
CA CYS B 38 3.52 -19.22 -15.43
C CYS B 38 4.34 -20.26 -16.16
N THR B 39 4.79 -21.30 -15.47
CA THR B 39 5.52 -22.33 -16.18
C THR B 39 4.63 -22.94 -17.25
N GLU B 40 3.37 -23.19 -16.90
CA GLU B 40 2.41 -23.68 -17.88
C GLU B 40 2.20 -22.67 -19.00
N MET B 41 1.88 -21.43 -18.65
CA MET B 41 1.60 -20.43 -19.68
C MET B 41 2.81 -20.23 -20.60
N GLU B 42 4.02 -20.22 -20.08
CA GLU B 42 5.16 -20.09 -20.98
C GLU B 42 5.22 -21.27 -21.94
N LYS B 43 4.88 -22.46 -21.44
CA LYS B 43 4.87 -23.68 -22.23
C LYS B 43 3.87 -23.59 -23.39
N GLU B 44 2.80 -22.84 -23.22
CA GLU B 44 1.77 -22.71 -24.24
C GLU B 44 1.94 -21.44 -25.07
N GLY B 45 3.12 -20.82 -25.02
CA GLY B 45 3.35 -19.58 -25.75
C GLY B 45 2.71 -18.34 -25.16
N LYS B 46 1.79 -18.46 -24.20
CA LYS B 46 1.01 -17.30 -23.75
C LYS B 46 1.89 -16.16 -23.20
N ILE B 47 3.07 -16.48 -22.66
CA ILE B 47 3.98 -15.48 -22.12
C ILE B 47 5.42 -15.93 -22.35
N SER B 48 6.35 -14.98 -22.31
CA SER B 48 7.77 -15.29 -22.48
C SER B 48 8.62 -14.55 -21.46
N LYS B 49 9.69 -15.20 -20.98
CA LYS B 49 10.65 -14.56 -20.10
C LYS B 49 11.37 -13.44 -20.84
N ILE B 50 11.63 -12.33 -20.15
CA ILE B 50 12.24 -11.16 -20.76
C ILE B 50 13.48 -10.74 -19.96
N GLY B 51 14.28 -9.86 -20.56
CA GLY B 51 15.54 -9.45 -19.98
C GLY B 51 15.52 -8.12 -19.26
N PRO B 52 16.70 -7.59 -18.93
CA PRO B 52 16.74 -6.32 -18.18
C PRO B 52 16.51 -5.10 -19.06
N GLU B 53 16.64 -5.23 -20.38
CA GLU B 53 16.37 -4.10 -21.26
C GLU B 53 14.88 -3.72 -21.28
N ASN B 54 14.02 -4.50 -20.62
CA ASN B 54 12.61 -4.17 -20.51
C ASN B 54 12.39 -3.59 -19.12
N PRO B 55 12.12 -2.29 -18.99
CA PRO B 55 12.08 -1.64 -17.68
C PRO B 55 10.69 -1.54 -17.05
N TYR B 56 9.65 -1.97 -17.74
CA TYR B 56 8.27 -1.79 -17.27
C TYR B 56 7.89 -2.90 -16.30
N ASN B 57 6.79 -2.73 -15.58
CA ASN B 57 6.29 -3.80 -14.72
C ASN B 57 4.89 -3.48 -14.27
N THR B 58 4.16 -4.52 -13.92
CA THR B 58 2.75 -4.46 -13.65
C THR B 58 2.58 -5.50 -12.55
N PRO B 59 1.90 -5.19 -11.45
CA PRO B 59 1.81 -6.15 -10.34
C PRO B 59 1.10 -7.42 -10.75
N VAL B 60 1.41 -8.53 -10.08
CA VAL B 60 0.60 -9.74 -10.24
C VAL B 60 0.21 -10.28 -8.88
N PHE B 61 -0.91 -11.00 -8.83
CA PHE B 61 -1.45 -11.60 -7.61
C PHE B 61 -1.94 -13.00 -7.91
N ALA B 62 -2.37 -13.68 -6.86
CA ALA B 62 -2.91 -15.02 -6.92
C ALA B 62 -4.21 -14.99 -6.13
N ILE B 63 -5.32 -15.39 -6.75
CA ILE B 63 -6.58 -15.41 -6.02
C ILE B 63 -7.22 -16.77 -6.20
N LYS B 64 -8.46 -16.91 -5.74
CA LYS B 64 -9.23 -18.12 -6.05
C LYS B 64 -10.71 -17.79 -6.29
N SER B 68 -12.32 -21.35 -6.60
CA SER B 68 -12.73 -22.67 -6.12
C SER B 68 -11.64 -23.23 -5.21
N THR B 69 -11.06 -24.37 -5.62
CA THR B 69 -9.94 -24.97 -4.91
C THR B 69 -8.64 -24.90 -5.72
N LYS B 70 -8.57 -24.00 -6.70
CA LYS B 70 -7.43 -23.87 -7.59
C LYS B 70 -7.02 -22.39 -7.67
N TRP B 71 -5.73 -22.17 -7.89
CA TRP B 71 -5.20 -20.80 -7.95
C TRP B 71 -5.37 -20.20 -9.34
N ARG B 72 -5.95 -18.99 -9.39
CA ARG B 72 -5.95 -18.17 -10.59
C ARG B 72 -4.94 -17.05 -10.43
N LYS B 73 -4.19 -16.79 -11.48
CA LYS B 73 -3.47 -15.53 -11.57
C LYS B 73 -4.42 -14.37 -11.90
N LEU B 74 -4.09 -13.21 -11.33
CA LEU B 74 -4.85 -11.97 -11.52
C LEU B 74 -3.79 -10.89 -11.68
N VAL B 75 -3.71 -10.29 -12.88
CA VAL B 75 -2.81 -9.16 -13.14
C VAL B 75 -3.58 -7.85 -12.95
N ASP B 76 -2.95 -6.91 -12.23
CA ASP B 76 -3.53 -5.58 -12.00
C ASP B 76 -3.02 -4.64 -13.08
N PHE B 77 -3.78 -4.53 -14.18
CA PHE B 77 -3.44 -3.62 -15.29
C PHE B 77 -4.02 -2.22 -15.12
N ARG B 78 -4.23 -1.75 -13.90
CA ARG B 78 -4.88 -0.45 -13.72
C ARG B 78 -4.06 0.67 -14.36
N GLU B 79 -2.75 0.69 -14.11
CA GLU B 79 -1.93 1.72 -14.74
C GLU B 79 -1.90 1.56 -16.25
N LEU B 80 -1.69 0.34 -16.77
CA LEU B 80 -1.59 0.20 -18.21
C LEU B 80 -2.89 0.59 -18.90
N ASN B 81 -4.02 0.34 -18.25
CA ASN B 81 -5.28 0.75 -18.83
C ASN B 81 -5.38 2.27 -18.98
N LYS B 82 -5.07 3.03 -17.92
CA LYS B 82 -5.13 4.48 -18.06
C LYS B 82 -4.19 4.98 -19.14
N ARG B 83 -3.06 4.30 -19.33
CA ARG B 83 -2.05 4.72 -20.28
C ARG B 83 -2.40 4.35 -21.71
N THR B 84 -3.46 3.57 -21.92
CA THR B 84 -3.89 3.17 -23.24
C THR B 84 -5.38 3.42 -23.41
N GLN B 85 -5.90 4.45 -22.74
CA GLN B 85 -7.34 4.62 -22.67
C GLN B 85 -7.96 4.91 -24.03
N ASP B 86 -7.31 5.74 -24.83
CA ASP B 86 -7.80 5.99 -26.19
C ASP B 86 -8.03 4.69 -26.92
N PHE B 87 -7.06 3.78 -26.83
CA PHE B 87 -7.15 2.56 -27.63
C PHE B 87 -8.47 1.84 -27.38
N TRP B 88 -8.88 1.71 -26.12
CA TRP B 88 -10.00 0.86 -25.77
C TRP B 88 -11.30 1.62 -25.51
N GLU B 89 -11.24 2.92 -25.21
CA GLU B 89 -12.44 3.72 -24.97
C GLU B 89 -12.82 4.60 -26.15
N VAL B 90 -11.85 5.28 -26.75
CA VAL B 90 -12.12 6.14 -27.89
C VAL B 90 -12.05 5.32 -29.18
N GLN B 91 -10.90 4.70 -29.46
CA GLN B 91 -10.70 4.08 -30.76
C GLN B 91 -11.58 2.85 -30.92
N LEU B 92 -11.44 1.85 -30.03
CA LEU B 92 -12.15 0.58 -30.18
C LEU B 92 -13.34 0.45 -29.21
N GLY B 93 -13.91 1.58 -28.77
CA GLY B 93 -14.93 1.60 -27.74
C GLY B 93 -16.02 0.54 -27.84
N ILE B 94 -16.48 0.03 -26.70
CA ILE B 94 -17.59 -0.92 -26.64
C ILE B 94 -18.80 -0.18 -26.04
N PRO B 95 -19.84 0.11 -26.83
CA PRO B 95 -20.95 0.93 -26.35
C PRO B 95 -21.74 0.27 -25.24
N HIS B 96 -22.25 1.09 -24.31
CA HIS B 96 -22.90 0.56 -23.13
C HIS B 96 -24.41 0.53 -23.28
N PRO B 97 -25.04 -0.64 -23.20
CA PRO B 97 -26.50 -0.75 -23.36
C PRO B 97 -27.25 -0.11 -22.21
N ALA B 98 -28.04 0.95 -22.50
CA ALA B 98 -28.81 1.62 -21.46
C ALA B 98 -29.98 0.78 -20.95
N GLY B 99 -30.29 -0.36 -21.57
CA GLY B 99 -31.39 -1.21 -21.12
C GLY B 99 -31.02 -2.42 -20.27
N LEU B 100 -29.71 -2.70 -20.15
CA LEU B 100 -29.28 -3.81 -19.32
C LEU B 100 -29.72 -3.60 -17.86
N LYS B 101 -29.71 -2.35 -17.39
CA LYS B 101 -30.07 -2.10 -15.99
C LYS B 101 -31.54 -2.36 -15.72
N LYS B 102 -32.38 -2.29 -16.75
CA LYS B 102 -33.81 -2.46 -16.62
C LYS B 102 -34.28 -3.92 -16.68
N LYS B 103 -33.41 -4.85 -17.10
CA LYS B 103 -33.82 -6.26 -17.11
C LYS B 103 -34.10 -6.75 -15.70
N LYS B 104 -35.03 -7.70 -15.60
CA LYS B 104 -35.40 -8.33 -14.34
C LYS B 104 -34.35 -9.34 -13.86
N SER B 105 -33.37 -9.71 -14.68
CA SER B 105 -32.32 -10.65 -14.26
C SER B 105 -31.08 -10.48 -15.13
N VAL B 106 -29.90 -10.60 -14.52
CA VAL B 106 -28.65 -10.44 -15.25
C VAL B 106 -27.64 -11.48 -14.75
N THR B 107 -27.30 -12.46 -15.60
CA THR B 107 -26.25 -13.42 -15.27
C THR B 107 -24.93 -12.91 -15.83
N VAL B 108 -23.83 -13.25 -15.14
CA VAL B 108 -22.50 -12.80 -15.52
C VAL B 108 -21.66 -14.00 -15.90
N LEU B 109 -21.17 -14.01 -17.15
CA LEU B 109 -20.48 -15.14 -17.76
C LEU B 109 -19.02 -14.78 -17.98
N ASP B 110 -18.12 -15.61 -17.45
CA ASP B 110 -16.69 -15.39 -17.64
C ASP B 110 -16.29 -15.87 -19.01
N VAL B 111 -15.82 -14.96 -19.86
CA VAL B 111 -15.37 -15.37 -21.18
C VAL B 111 -13.92 -14.97 -21.42
N GLY B 112 -13.16 -14.72 -20.37
CA GLY B 112 -11.80 -14.25 -20.53
C GLY B 112 -10.90 -15.21 -21.30
N ASP B 113 -11.24 -16.49 -21.31
CA ASP B 113 -10.44 -17.52 -21.98
C ASP B 113 -10.40 -17.33 -23.51
N ALA B 114 -11.28 -16.52 -24.08
CA ALA B 114 -11.23 -16.30 -25.52
C ALA B 114 -9.95 -15.55 -25.90
N TYR B 115 -9.50 -14.63 -25.07
CA TYR B 115 -8.35 -13.79 -25.43
C TYR B 115 -7.12 -14.64 -25.71
N PHE B 116 -6.95 -15.74 -25.00
CA PHE B 116 -5.64 -16.37 -24.91
C PHE B 116 -5.17 -16.98 -26.21
N SER B 117 -6.06 -17.07 -27.20
CA SER B 117 -5.66 -17.50 -28.52
C SER B 117 -5.15 -16.34 -29.39
N VAL B 118 -5.64 -15.12 -29.17
CA VAL B 118 -5.33 -14.03 -30.08
C VAL B 118 -3.95 -13.44 -29.84
N PRO B 119 -3.06 -13.39 -30.83
CA PRO B 119 -1.73 -12.81 -30.59
C PRO B 119 -1.85 -11.35 -30.22
N LEU B 120 -0.82 -10.86 -29.52
CA LEU B 120 -0.70 -9.45 -29.15
C LEU B 120 0.37 -8.78 -29.98
N ASP B 121 0.12 -7.53 -30.34
CA ASP B 121 1.04 -6.81 -31.21
C ASP B 121 2.47 -6.91 -30.68
N GLU B 122 3.39 -7.31 -31.56
CA GLU B 122 4.77 -7.55 -31.16
C GLU B 122 5.38 -6.30 -30.53
N ASP B 123 5.05 -5.11 -31.05
CA ASP B 123 5.67 -3.93 -30.46
C ASP B 123 5.02 -3.51 -29.13
N PHE B 124 3.90 -4.12 -28.75
CA PHE B 124 3.26 -3.74 -27.50
C PHE B 124 3.63 -4.64 -26.33
N ARG B 125 4.16 -5.83 -26.58
CA ARG B 125 4.25 -6.80 -25.51
C ARG B 125 5.11 -6.28 -24.36
N LYS B 126 6.12 -5.45 -24.67
CA LYS B 126 7.02 -5.04 -23.61
C LYS B 126 6.27 -4.42 -22.45
N TYR B 127 5.15 -3.73 -22.72
CA TYR B 127 4.46 -3.05 -21.64
C TYR B 127 3.60 -3.96 -20.81
N THR B 128 3.48 -5.23 -21.17
CA THR B 128 2.76 -6.16 -20.32
C THR B 128 3.66 -6.90 -19.34
N ALA B 129 4.94 -6.49 -19.22
CA ALA B 129 5.85 -7.14 -18.27
C ALA B 129 5.21 -7.32 -16.91
N PHE B 130 5.51 -8.43 -16.25
CA PHE B 130 5.24 -8.55 -14.82
C PHE B 130 6.34 -9.38 -14.16
N THR B 131 6.30 -9.45 -12.83
CA THR B 131 7.35 -10.09 -12.03
C THR B 131 6.74 -10.99 -10.97
N ILE B 132 7.19 -12.25 -10.91
CA ILE B 132 6.95 -13.07 -9.72
C ILE B 132 8.04 -12.72 -8.74
N PRO B 133 7.72 -12.20 -7.54
CA PRO B 133 8.75 -11.80 -6.58
C PRO B 133 9.39 -13.01 -5.91
N SER B 134 10.42 -12.76 -5.11
CA SER B 134 11.03 -13.81 -4.29
C SER B 134 10.98 -13.41 -2.84
N ILE B 135 11.02 -14.42 -1.98
CA ILE B 135 11.00 -14.20 -0.54
C ILE B 135 12.37 -13.71 -0.09
N ASN B 136 12.38 -12.71 0.79
CA ASN B 136 13.62 -12.22 1.39
C ASN B 136 14.60 -11.65 0.36
N ASN B 137 14.14 -11.37 -0.87
CA ASN B 137 14.99 -10.76 -1.92
C ASN B 137 16.15 -11.68 -2.28
N GLU B 138 15.91 -12.97 -2.14
CA GLU B 138 16.98 -13.92 -2.30
C GLU B 138 17.39 -14.08 -3.77
N THR B 139 16.50 -13.78 -4.71
CA THR B 139 16.82 -13.85 -6.13
C THR B 139 16.14 -12.68 -6.84
N PRO B 140 16.59 -12.35 -8.05
CA PRO B 140 16.15 -11.09 -8.69
C PRO B 140 14.65 -10.97 -8.91
N GLY B 141 13.99 -12.07 -9.29
CA GLY B 141 12.58 -12.03 -9.66
C GLY B 141 12.42 -12.58 -11.06
N ILE B 142 11.37 -13.34 -11.32
CA ILE B 142 11.17 -13.94 -12.64
C ILE B 142 10.32 -13.02 -13.51
N ARG B 143 10.81 -12.69 -14.69
CA ARG B 143 10.21 -11.66 -15.53
C ARG B 143 9.58 -12.30 -16.76
N TYR B 144 8.30 -12.02 -16.97
CA TYR B 144 7.58 -12.41 -18.16
C TYR B 144 7.10 -11.17 -18.88
N GLN B 145 6.65 -11.36 -20.13
CA GLN B 145 5.81 -10.42 -20.84
C GLN B 145 4.83 -11.23 -21.66
N TYR B 146 3.67 -10.65 -21.96
CA TYR B 146 2.62 -11.41 -22.62
C TYR B 146 2.86 -11.48 -24.11
N ASN B 147 2.62 -12.67 -24.69
CA ASN B 147 2.60 -12.84 -26.15
C ASN B 147 1.19 -12.85 -26.74
N VAL B 148 0.14 -12.94 -25.90
CA VAL B 148 -1.26 -12.99 -26.30
C VAL B 148 -2.06 -11.92 -25.53
N LEU B 149 -3.26 -11.60 -26.01
CA LEU B 149 -4.05 -10.58 -25.32
C LEU B 149 -4.20 -10.98 -23.85
N PRO B 150 -3.85 -10.12 -22.91
CA PRO B 150 -3.90 -10.55 -21.51
C PRO B 150 -5.25 -10.29 -20.87
N GLN B 151 -5.66 -11.24 -20.04
CA GLN B 151 -6.82 -11.01 -19.19
C GLN B 151 -6.57 -9.82 -18.28
N GLY B 152 -7.59 -8.96 -18.13
CA GLY B 152 -7.48 -7.82 -17.28
C GLY B 152 -7.17 -6.52 -18.01
N TRP B 153 -6.50 -6.60 -19.15
CA TRP B 153 -6.32 -5.43 -19.99
C TRP B 153 -7.64 -5.03 -20.67
N LYS B 154 -7.89 -3.73 -20.77
CA LYS B 154 -9.11 -3.25 -21.41
C LYS B 154 -9.00 -3.30 -22.94
N GLY B 155 -7.78 -3.34 -23.48
CA GLY B 155 -7.61 -3.51 -24.90
C GLY B 155 -8.03 -4.89 -25.38
N SER B 156 -7.82 -5.91 -24.54
CA SER B 156 -8.16 -7.27 -25.00
C SER B 156 -9.58 -7.34 -25.45
N PRO B 157 -10.58 -7.08 -24.63
CA PRO B 157 -11.95 -7.17 -25.09
C PRO B 157 -12.22 -6.26 -26.28
N ALA B 158 -11.70 -5.03 -26.27
CA ALA B 158 -11.85 -4.15 -27.43
C ALA B 158 -11.32 -4.79 -28.68
N ILE B 159 -10.14 -5.41 -28.61
CA ILE B 159 -9.61 -6.03 -29.80
C ILE B 159 -10.52 -7.16 -30.25
N PHE B 160 -11.06 -7.90 -29.31
CA PHE B 160 -11.81 -9.12 -29.60
C PHE B 160 -13.30 -8.88 -29.85
N GLN B 161 -13.79 -7.65 -29.83
CA GLN B 161 -15.24 -7.50 -29.97
C GLN B 161 -15.69 -7.88 -31.36
N SER B 162 -14.90 -7.57 -32.39
CA SER B 162 -15.21 -8.10 -33.72
C SER B 162 -15.55 -9.58 -33.64
N SER B 163 -14.60 -10.40 -33.15
CA SER B 163 -14.88 -11.82 -33.06
C SER B 163 -16.08 -12.10 -32.18
N MET B 164 -16.29 -11.27 -31.16
CA MET B 164 -17.38 -11.56 -30.25
C MET B 164 -18.72 -11.23 -30.89
N THR B 165 -18.80 -10.10 -31.61
CA THR B 165 -20.04 -9.75 -32.27
C THR B 165 -20.47 -10.82 -33.26
N LYS B 166 -19.51 -11.42 -33.98
CA LYS B 166 -19.85 -12.54 -34.88
C LYS B 166 -20.31 -13.78 -34.11
N ILE B 167 -19.55 -14.21 -33.11
CA ILE B 167 -19.92 -15.44 -32.40
C ILE B 167 -21.30 -15.32 -31.78
N LEU B 168 -21.74 -14.12 -31.41
CA LEU B 168 -23.02 -13.96 -30.73
C LEU B 168 -24.18 -13.66 -31.69
N GLU B 169 -23.92 -13.57 -32.99
CA GLU B 169 -24.97 -13.16 -33.93
C GLU B 169 -26.12 -14.16 -34.00
N PRO B 170 -25.87 -15.46 -34.20
CA PRO B 170 -26.98 -16.42 -34.21
C PRO B 170 -27.82 -16.40 -32.95
N PHE B 171 -27.18 -16.28 -31.78
CA PHE B 171 -27.95 -16.24 -30.54
C PHE B 171 -28.76 -14.96 -30.46
N LYS B 172 -28.18 -13.84 -30.87
CA LYS B 172 -28.91 -12.58 -30.78
C LYS B 172 -30.12 -12.59 -31.70
N LYS B 173 -29.99 -13.19 -32.90
CA LYS B 173 -31.13 -13.31 -33.81
C LYS B 173 -32.20 -14.22 -33.25
N GLN B 174 -31.80 -15.33 -32.64
CA GLN B 174 -32.78 -16.23 -32.07
C GLN B 174 -33.46 -15.62 -30.85
N ASN B 175 -32.75 -14.81 -30.07
CA ASN B 175 -33.26 -14.26 -28.81
C ASN B 175 -33.12 -12.75 -28.83
N PRO B 176 -33.99 -12.08 -29.59
CA PRO B 176 -33.84 -10.63 -29.80
C PRO B 176 -34.15 -9.79 -28.56
N ASP B 177 -34.66 -10.39 -27.48
CA ASP B 177 -34.99 -9.62 -26.28
C ASP B 177 -33.92 -9.71 -25.20
N ILE B 178 -32.99 -10.63 -25.32
CA ILE B 178 -31.91 -10.82 -24.36
C ILE B 178 -30.82 -9.80 -24.66
N VAL B 179 -30.37 -9.05 -23.63
CA VAL B 179 -29.33 -8.03 -23.76
C VAL B 179 -27.98 -8.64 -23.39
N ILE B 180 -26.92 -8.22 -24.10
CA ILE B 180 -25.59 -8.80 -23.91
C ILE B 180 -24.54 -7.71 -23.96
N TYR B 181 -23.86 -7.48 -22.83
CA TYR B 181 -22.80 -6.49 -22.71
C TYR B 181 -21.52 -7.16 -22.24
N GLN B 182 -20.39 -6.70 -22.79
CA GLN B 182 -19.08 -7.25 -22.52
C GLN B 182 -18.28 -6.18 -21.78
N TYR B 183 -17.94 -6.45 -20.52
CA TYR B 183 -17.00 -5.61 -19.78
C TYR B 183 -15.77 -6.47 -19.49
N MET B 184 -14.62 -6.03 -19.99
CA MET B 184 -13.40 -6.79 -19.74
C MET B 184 -13.52 -8.25 -20.13
N ASP B 185 -13.64 -9.15 -19.16
CA ASP B 185 -13.60 -10.57 -19.42
C ASP B 185 -14.95 -11.23 -19.18
N ASP B 186 -16.02 -10.45 -19.09
CA ASP B 186 -17.29 -10.99 -18.66
C ASP B 186 -18.44 -10.47 -19.53
N LEU B 187 -19.41 -11.33 -19.78
CA LEU B 187 -20.62 -10.94 -20.48
C LEU B 187 -21.73 -10.84 -19.46
N TYR B 188 -22.47 -9.75 -19.51
CA TYR B 188 -23.67 -9.59 -18.70
C TYR B 188 -24.87 -9.80 -19.61
N VAL B 189 -25.69 -10.79 -19.31
CA VAL B 189 -26.83 -11.16 -20.13
C VAL B 189 -28.08 -10.97 -19.29
N GLY B 190 -28.93 -10.02 -19.68
CA GLY B 190 -30.17 -9.76 -18.99
C GLY B 190 -31.37 -10.29 -19.77
N SER B 191 -32.34 -10.86 -19.05
CA SER B 191 -33.64 -11.19 -19.62
C SER B 191 -34.74 -10.86 -18.61
N ASP B 192 -35.96 -10.70 -19.13
CA ASP B 192 -37.14 -10.57 -18.29
C ASP B 192 -37.88 -11.89 -18.15
N LEU B 193 -37.19 -13.00 -18.35
CA LEU B 193 -37.78 -14.32 -18.27
C LEU B 193 -37.95 -14.73 -16.81
N GLU B 194 -38.73 -15.80 -16.61
CA GLU B 194 -38.78 -16.44 -15.31
C GLU B 194 -37.39 -16.93 -14.95
N ILE B 195 -37.04 -16.84 -13.67
CA ILE B 195 -35.72 -17.26 -13.21
C ILE B 195 -35.36 -18.56 -13.92
N GLY B 196 -36.34 -19.48 -14.00
CA GLY B 196 -36.07 -20.79 -14.58
C GLY B 196 -35.84 -20.76 -16.08
N GLN B 197 -36.64 -19.99 -16.82
CA GLN B 197 -36.36 -19.78 -18.23
C GLN B 197 -34.99 -19.14 -18.41
N HIS B 198 -34.70 -18.10 -17.61
CA HIS B 198 -33.43 -17.39 -17.70
C HIS B 198 -32.25 -18.37 -17.61
N ARG B 199 -32.24 -19.21 -16.57
CA ARG B 199 -31.12 -20.15 -16.42
C ARG B 199 -31.05 -21.10 -17.60
N THR B 200 -32.20 -21.40 -18.22
CA THR B 200 -32.16 -22.19 -19.44
C THR B 200 -31.54 -21.39 -20.58
N LYS B 201 -32.01 -20.16 -20.81
CA LYS B 201 -31.45 -19.39 -21.90
C LYS B 201 -29.95 -19.24 -21.74
N ILE B 202 -29.48 -19.17 -20.49
CA ILE B 202 -28.05 -19.01 -20.23
C ILE B 202 -27.29 -20.28 -20.57
N GLU B 203 -27.83 -21.45 -20.21
CA GLU B 203 -27.15 -22.67 -20.66
C GLU B 203 -27.18 -22.79 -22.17
N GLU B 204 -28.22 -22.27 -22.84
CA GLU B 204 -28.17 -22.23 -24.31
C GLU B 204 -26.96 -21.44 -24.79
N LEU B 205 -26.80 -20.22 -24.27
CA LEU B 205 -25.68 -19.37 -24.67
C LEU B 205 -24.35 -20.02 -24.31
N ARG B 206 -24.27 -20.65 -23.14
CA ARG B 206 -23.07 -21.40 -22.81
C ARG B 206 -22.80 -22.50 -23.85
N GLN B 207 -23.82 -23.31 -24.14
CA GLN B 207 -23.67 -24.32 -25.18
C GLN B 207 -23.35 -23.67 -26.52
N HIS B 208 -24.02 -22.57 -26.85
CA HIS B 208 -23.74 -21.90 -28.12
C HIS B 208 -22.30 -21.43 -28.17
N LEU B 209 -21.82 -20.79 -27.09
CA LEU B 209 -20.43 -20.35 -27.05
C LEU B 209 -19.49 -21.54 -27.14
N LEU B 210 -19.83 -22.64 -26.48
CA LEU B 210 -19.01 -23.83 -26.57
C LEU B 210 -18.99 -24.40 -27.99
N ARG B 211 -20.12 -24.31 -28.72
CA ARG B 211 -20.09 -24.78 -30.10
C ARG B 211 -19.12 -23.98 -30.94
N TRP B 212 -18.74 -22.78 -30.51
CA TRP B 212 -17.82 -21.99 -31.31
C TRP B 212 -16.43 -21.90 -30.68
N GLY B 213 -16.07 -22.84 -29.83
CA GLY B 213 -14.73 -22.87 -29.29
C GLY B 213 -14.44 -21.93 -28.12
N LEU B 214 -15.46 -21.35 -27.49
CA LEU B 214 -15.27 -20.52 -26.30
C LEU B 214 -15.62 -21.34 -25.06
N THR B 215 -14.62 -21.60 -24.23
CA THR B 215 -14.91 -22.22 -22.94
C THR B 215 -15.50 -21.22 -21.96
N THR B 216 -16.34 -21.72 -21.06
CA THR B 216 -16.92 -20.94 -19.98
C THR B 216 -17.13 -21.87 -18.78
N PRO B 217 -16.71 -21.46 -17.58
CA PRO B 217 -16.64 -22.41 -16.45
C PRO B 217 -18.00 -22.87 -15.94
N ASP B 218 -17.97 -24.02 -15.24
CA ASP B 218 -19.15 -24.77 -14.79
C ASP B 218 -19.89 -25.43 -15.96
N TYR B 232 -24.05 -14.35 -11.60
CA TYR B 232 -24.23 -14.20 -10.13
C TYR B 232 -25.73 -13.98 -9.84
N GLU B 233 -26.56 -14.01 -10.88
CA GLU B 233 -28.03 -13.84 -10.71
C GLU B 233 -28.31 -12.48 -10.03
N LEU B 234 -27.96 -11.38 -10.70
CA LEU B 234 -28.25 -10.03 -10.16
C LEU B 234 -29.67 -9.62 -10.56
N HIS B 235 -30.26 -8.66 -9.85
CA HIS B 235 -31.65 -8.20 -10.17
C HIS B 235 -31.69 -6.67 -10.12
N PRO B 236 -31.48 -5.96 -11.25
CA PRO B 236 -31.40 -4.49 -11.25
C PRO B 236 -32.76 -3.83 -11.24
N ASP B 237 -33.80 -4.56 -10.84
CA ASP B 237 -35.12 -3.95 -10.60
C ASP B 237 -35.17 -3.19 -9.28
N LYS B 238 -34.47 -3.66 -8.24
CA LYS B 238 -34.46 -3.05 -6.92
C LYS B 238 -33.30 -2.09 -6.74
N TRP B 239 -32.83 -1.48 -7.83
CA TRP B 239 -31.59 -0.69 -7.84
C TRP B 239 -31.92 0.77 -8.15
N THR B 240 -31.94 1.61 -7.09
CA THR B 240 -32.28 3.03 -7.19
C THR B 240 -31.46 3.77 -6.13
N VAL B 241 -31.84 5.01 -5.86
CA VAL B 241 -31.34 5.75 -4.69
C VAL B 241 -32.31 5.48 -3.55
N GLN B 242 -31.87 4.72 -2.54
CA GLN B 242 -32.76 4.38 -1.44
C GLN B 242 -33.04 5.63 -0.60
N PRO B 243 -34.26 5.75 -0.05
CA PRO B 243 -34.66 7.01 0.62
C PRO B 243 -34.31 7.05 2.11
N ILE B 244 -33.90 8.25 2.55
CA ILE B 244 -33.48 8.45 3.94
C ILE B 244 -34.69 8.43 4.85
N VAL B 245 -34.61 7.68 5.95
CA VAL B 245 -35.76 7.39 6.80
C VAL B 245 -35.50 7.93 8.21
N LEU B 246 -36.39 8.83 8.66
CA LEU B 246 -36.44 9.24 10.05
C LEU B 246 -36.87 8.06 10.92
N PRO B 247 -36.35 7.97 12.15
CA PRO B 247 -36.88 6.95 13.07
C PRO B 247 -38.32 7.28 13.43
N GLU B 248 -39.19 6.29 13.30
CA GLU B 248 -40.54 6.37 13.84
C GLU B 248 -40.50 5.79 15.24
N LYS B 249 -41.14 6.48 16.17
CA LYS B 249 -41.12 6.06 17.56
C LYS B 249 -42.40 6.55 18.23
N ASP B 250 -42.89 5.74 19.18
CA ASP B 250 -44.14 6.07 19.85
C ASP B 250 -44.00 7.30 20.75
N SER B 251 -42.85 7.46 21.40
CA SER B 251 -42.60 8.57 22.30
C SER B 251 -41.31 9.28 21.92
N TRP B 252 -41.22 10.56 22.27
CA TRP B 252 -40.09 11.38 21.87
C TRP B 252 -39.51 12.08 23.10
N THR B 253 -38.19 12.22 23.12
CA THR B 253 -37.47 12.80 24.26
C THR B 253 -36.72 14.05 23.83
N VAL B 254 -36.14 14.75 24.82
CA VAL B 254 -35.27 15.88 24.51
C VAL B 254 -34.15 15.43 23.58
N ASN B 255 -33.53 14.30 23.91
CA ASN B 255 -32.45 13.78 23.09
C ASN B 255 -32.95 13.35 21.72
N ASP B 256 -34.06 12.62 21.68
CA ASP B 256 -34.61 12.18 20.41
C ASP B 256 -34.83 13.36 19.47
N ILE B 257 -35.55 14.39 19.92
CA ILE B 257 -35.70 15.59 19.12
C ILE B 257 -34.33 16.07 18.66
N GLN B 258 -33.29 15.89 19.47
CA GLN B 258 -32.00 16.45 19.13
C GLN B 258 -31.30 15.66 18.02
N LYS B 259 -31.33 14.32 18.11
CA LYS B 259 -30.89 13.49 16.99
C LYS B 259 -31.74 13.78 15.77
N LEU B 260 -33.06 13.88 15.96
CA LEU B 260 -33.98 14.11 14.85
C LEU B 260 -33.70 15.42 14.14
N VAL B 261 -33.45 16.50 14.88
CA VAL B 261 -33.13 17.77 14.24
C VAL B 261 -31.82 17.66 13.49
N GLY B 262 -30.83 17.00 14.11
CA GLY B 262 -29.52 16.90 13.48
C GLY B 262 -29.58 16.17 12.14
N LYS B 263 -30.31 15.06 12.10
CA LYS B 263 -30.49 14.34 10.84
C LYS B 263 -31.15 15.22 9.79
N LEU B 264 -32.21 15.93 10.17
CA LEU B 264 -32.92 16.77 9.21
C LEU B 264 -32.05 17.91 8.70
N ASN B 265 -31.24 18.48 9.58
CA ASN B 265 -30.40 19.60 9.17
C ASN B 265 -29.41 19.17 8.08
N TRP B 266 -28.78 18.01 8.27
CA TRP B 266 -27.81 17.50 7.30
C TRP B 266 -28.46 17.23 5.95
N ALA B 267 -29.67 16.67 5.96
CA ALA B 267 -30.44 16.49 4.73
C ALA B 267 -30.71 17.82 4.03
N SER B 268 -30.81 18.92 4.78
CA SER B 268 -31.02 20.21 4.13
C SER B 268 -29.98 20.43 3.03
N GLN B 269 -28.78 19.85 3.19
CA GLN B 269 -27.75 19.96 2.18
C GLN B 269 -28.14 19.26 0.89
N ILE B 270 -29.20 18.46 0.92
CA ILE B 270 -29.65 17.66 -0.21
C ILE B 270 -31.03 18.13 -0.70
N TYR B 271 -32.02 18.22 0.20
CA TYR B 271 -33.31 18.83 -0.10
C TYR B 271 -33.41 20.17 0.63
N PRO B 272 -33.06 21.29 -0.01
CA PRO B 272 -33.14 22.60 0.70
C PRO B 272 -34.54 22.94 1.20
N GLY B 273 -35.54 22.12 0.88
CA GLY B 273 -36.91 22.37 1.29
C GLY B 273 -37.29 21.75 2.62
N ILE B 274 -36.31 21.39 3.43
CA ILE B 274 -36.55 20.89 4.77
C ILE B 274 -36.94 22.07 5.66
N LYS B 275 -38.23 22.19 5.97
CA LYS B 275 -38.76 23.28 6.78
C LYS B 275 -38.92 22.75 8.20
N VAL B 276 -38.00 23.14 9.09
CA VAL B 276 -38.04 22.76 10.49
C VAL B 276 -37.71 23.97 11.32
N ARG B 277 -38.73 24.64 11.84
CA ARG B 277 -38.53 25.69 12.83
C ARG B 277 -39.51 25.46 13.98
N GLN B 278 -40.65 24.84 13.66
CA GLN B 278 -41.61 24.46 14.69
C GLN B 278 -41.09 23.35 15.58
N LEU B 279 -39.95 22.74 15.24
CA LEU B 279 -39.27 21.78 16.11
C LEU B 279 -38.22 22.45 16.99
N SER B 280 -37.47 23.40 16.44
CA SER B 280 -36.49 24.12 17.26
C SER B 280 -37.18 24.85 18.41
N LYS B 281 -38.34 25.47 18.13
CA LYS B 281 -39.16 26.04 19.19
C LYS B 281 -39.71 24.98 20.14
N LEU B 282 -39.67 23.69 19.74
CA LEU B 282 -40.33 22.64 20.53
C LEU B 282 -39.84 22.63 21.96
N LEU B 283 -38.54 22.40 22.16
CA LEU B 283 -37.93 22.48 23.49
C LEU B 283 -36.93 23.63 23.50
N ARG B 284 -37.44 24.85 23.75
CA ARG B 284 -36.59 26.04 23.75
C ARG B 284 -35.88 26.24 25.06
N GLY B 285 -36.38 25.65 26.15
CA GLY B 285 -35.80 25.84 27.47
C GLY B 285 -34.87 24.70 27.82
N THR B 286 -33.66 25.06 28.28
CA THR B 286 -32.67 24.03 28.56
C THR B 286 -33.30 22.98 29.48
N LYS B 287 -33.51 21.78 28.94
CA LYS B 287 -34.21 20.72 29.64
C LYS B 287 -33.32 19.48 29.67
N ALA B 288 -33.62 18.57 30.59
CA ALA B 288 -32.77 17.39 30.68
C ALA B 288 -32.88 16.57 29.39
N LEU B 289 -31.83 15.80 29.09
CA LEU B 289 -31.84 15.01 27.85
C LEU B 289 -32.96 13.97 27.89
N THR B 290 -33.25 13.46 29.08
CA THR B 290 -34.30 12.45 29.27
C THR B 290 -35.70 13.04 29.37
N GLU B 291 -35.83 14.36 29.46
CA GLU B 291 -37.15 14.99 29.49
C GLU B 291 -37.95 14.51 28.29
N VAL B 292 -39.10 13.91 28.55
CA VAL B 292 -39.95 13.35 27.47
C VAL B 292 -40.88 14.48 27.04
N ILE B 293 -40.41 15.33 26.14
CA ILE B 293 -41.20 16.44 25.65
C ILE B 293 -42.36 15.91 24.82
N PRO B 294 -43.56 16.55 24.86
CA PRO B 294 -44.69 16.05 24.04
C PRO B 294 -44.69 16.62 22.63
N LEU B 295 -45.73 16.32 21.86
CA LEU B 295 -45.77 16.63 20.42
C LEU B 295 -46.68 17.83 20.15
N THR B 296 -46.14 18.84 19.50
CA THR B 296 -46.92 19.97 19.03
C THR B 296 -47.58 19.60 17.71
N GLU B 297 -48.80 20.11 17.49
CA GLU B 297 -49.38 20.03 16.16
C GLU B 297 -48.60 20.88 15.17
N GLU B 298 -48.28 22.13 15.55
CA GLU B 298 -47.44 22.97 14.71
C GLU B 298 -46.11 22.30 14.41
N ALA B 299 -45.53 21.61 15.40
CA ALA B 299 -44.30 20.86 15.17
C ALA B 299 -44.57 19.62 14.33
N GLU B 300 -45.58 18.82 14.70
CA GLU B 300 -45.81 17.55 14.00
C GLU B 300 -46.08 17.75 12.51
N LEU B 301 -46.59 18.92 12.12
CA LEU B 301 -46.80 19.21 10.71
C LEU B 301 -45.48 19.43 9.99
N GLU B 302 -44.50 20.05 10.66
CA GLU B 302 -43.16 20.16 10.10
C GLU B 302 -42.47 18.81 9.97
N LEU B 303 -42.94 17.78 10.68
CA LEU B 303 -42.38 16.44 10.58
C LEU B 303 -43.01 15.62 9.46
N ALA B 304 -44.33 15.76 9.26
CA ALA B 304 -44.98 15.09 8.14
C ALA B 304 -44.70 15.82 6.83
N GLU B 305 -44.69 17.15 6.85
CA GLU B 305 -44.26 17.89 5.65
C GLU B 305 -42.86 17.49 5.23
N ASN B 306 -42.01 17.13 6.19
CA ASN B 306 -40.63 16.78 5.86
C ASN B 306 -40.50 15.31 5.45
N ARG B 307 -41.26 14.41 6.07
CA ARG B 307 -41.22 13.01 5.64
C ARG B 307 -41.69 12.86 4.20
N GLU B 308 -42.53 13.79 3.71
CA GLU B 308 -42.99 13.73 2.33
C GLU B 308 -41.88 14.10 1.35
N ILE B 309 -41.15 15.20 1.63
CA ILE B 309 -40.02 15.57 0.77
C ILE B 309 -39.00 14.45 0.74
N LEU B 310 -39.01 13.58 1.75
CA LEU B 310 -38.10 12.43 1.81
C LEU B 310 -38.52 11.30 0.86
N LYS B 311 -39.83 11.19 0.57
CA LYS B 311 -40.28 10.16 -0.35
C LYS B 311 -39.86 10.47 -1.78
N GLU B 312 -39.95 11.74 -2.19
CA GLU B 312 -39.58 12.14 -3.54
C GLU B 312 -38.08 12.01 -3.75
N PRO B 313 -37.64 11.92 -4.99
CA PRO B 313 -36.21 11.91 -5.29
C PRO B 313 -35.67 13.32 -5.49
N VAL B 314 -34.36 13.41 -5.64
CA VAL B 314 -33.71 14.70 -5.77
C VAL B 314 -34.02 15.37 -7.10
N HIS B 315 -33.73 16.64 -7.21
CA HIS B 315 -33.78 17.36 -8.47
C HIS B 315 -32.36 17.62 -8.96
N GLY B 316 -32.20 17.61 -10.28
CA GLY B 316 -30.91 17.81 -10.90
C GLY B 316 -30.02 16.58 -10.97
N VAL B 317 -30.47 15.45 -10.42
CA VAL B 317 -29.58 14.31 -10.22
C VAL B 317 -29.47 13.56 -11.56
N TYR B 318 -28.39 13.83 -12.30
CA TYR B 318 -28.16 13.15 -13.57
C TYR B 318 -26.73 12.59 -13.64
N TYR B 319 -26.56 11.62 -14.53
CA TYR B 319 -25.25 11.02 -14.75
C TYR B 319 -24.48 11.83 -15.78
N ASP B 320 -23.40 12.47 -15.34
CA ASP B 320 -22.49 13.17 -16.23
C ASP B 320 -21.40 12.18 -16.65
N PRO B 321 -21.37 11.73 -17.90
CA PRO B 321 -20.37 10.73 -18.31
C PRO B 321 -19.01 11.33 -18.56
N SER B 322 -18.86 12.65 -18.54
CA SER B 322 -17.54 13.24 -18.63
C SER B 322 -16.76 13.06 -17.32
N LYS B 323 -17.46 12.90 -16.21
CA LYS B 323 -16.88 12.84 -14.88
C LYS B 323 -16.67 11.40 -14.41
N ASP B 324 -16.02 11.27 -13.24
CA ASP B 324 -15.76 9.97 -12.64
C ASP B 324 -16.80 9.65 -11.58
N LEU B 325 -17.11 8.36 -11.43
CA LEU B 325 -18.03 7.93 -10.38
C LEU B 325 -17.23 7.64 -9.11
N ILE B 326 -17.80 8.05 -7.98
CA ILE B 326 -17.18 8.00 -6.66
C ILE B 326 -18.09 7.17 -5.76
N ALA B 327 -17.52 6.19 -5.07
CA ALA B 327 -18.29 5.44 -4.09
C ALA B 327 -17.70 5.67 -2.71
N GLU B 328 -18.60 5.89 -1.75
CA GLU B 328 -18.26 5.99 -0.35
C GLU B 328 -18.98 4.86 0.38
N ILE B 329 -18.28 4.15 1.26
CA ILE B 329 -18.84 3.05 2.05
C ILE B 329 -18.68 3.38 3.51
N GLN B 330 -19.69 3.08 4.32
CA GLN B 330 -19.62 3.24 5.78
C GLN B 330 -19.85 1.90 6.45
N LYS B 331 -18.97 1.52 7.37
CA LYS B 331 -19.29 0.39 8.24
C LYS B 331 -20.42 0.79 9.18
N GLN B 332 -21.34 -0.16 9.42
CA GLN B 332 -22.50 0.11 10.25
C GLN B 332 -22.58 -0.79 11.48
N GLY B 333 -21.82 -1.86 11.52
CA GLY B 333 -21.88 -2.78 12.64
C GLY B 333 -22.92 -3.86 12.44
N GLN B 334 -22.67 -5.01 13.05
CA GLN B 334 -23.53 -6.18 12.89
C GLN B 334 -23.55 -6.65 11.44
N GLY B 335 -22.42 -6.50 10.75
CA GLY B 335 -22.33 -7.00 9.40
C GLY B 335 -23.07 -6.19 8.36
N GLN B 336 -23.29 -4.90 8.60
CA GLN B 336 -24.05 -4.06 7.69
C GLN B 336 -23.21 -2.90 7.19
N TRP B 337 -23.18 -2.73 5.88
CA TRP B 337 -22.46 -1.66 5.24
C TRP B 337 -23.41 -0.87 4.34
N THR B 338 -23.23 0.43 4.31
CA THR B 338 -24.05 1.29 3.48
C THR B 338 -23.14 1.87 2.42
N TYR B 339 -23.70 2.21 1.25
CA TYR B 339 -22.88 2.83 0.24
C TYR B 339 -23.66 3.89 -0.53
N GLN B 340 -22.92 4.86 -1.06
CA GLN B 340 -23.44 5.88 -1.96
C GLN B 340 -22.50 6.00 -3.14
N ILE B 341 -23.06 5.99 -4.34
CA ILE B 341 -22.35 6.30 -5.58
C ILE B 341 -22.81 7.67 -6.03
N TYR B 342 -21.87 8.60 -6.19
CA TYR B 342 -22.17 9.96 -6.59
C TYR B 342 -21.07 10.44 -7.52
N GLN B 343 -21.27 11.64 -8.06
CA GLN B 343 -20.27 12.24 -8.94
C GLN B 343 -19.90 13.62 -8.48
N GLU B 344 -20.84 14.35 -7.97
CA GLU B 344 -20.79 15.57 -7.22
C GLU B 344 -21.30 15.28 -5.82
N PRO B 345 -20.81 15.98 -4.79
CA PRO B 345 -21.31 15.72 -3.44
C PRO B 345 -22.81 15.96 -3.35
N PHE B 346 -23.47 15.12 -2.56
CA PHE B 346 -24.88 15.21 -2.20
C PHE B 346 -25.84 14.94 -3.36
N LYS B 347 -25.34 14.72 -4.59
CA LYS B 347 -26.20 14.34 -5.71
C LYS B 347 -26.03 12.85 -6.00
N ASN B 348 -26.69 12.03 -5.19
CA ASN B 348 -26.49 10.59 -5.26
C ASN B 348 -27.16 10.01 -6.48
N LEU B 349 -26.35 9.37 -7.34
CA LEU B 349 -26.83 8.54 -8.44
C LEU B 349 -27.29 7.16 -7.97
N LYS B 350 -26.85 6.70 -6.80
CA LYS B 350 -27.36 5.44 -6.27
C LYS B 350 -26.83 5.23 -4.86
N THR B 351 -27.67 4.65 -4.00
CA THR B 351 -27.29 4.31 -2.64
C THR B 351 -27.85 2.95 -2.31
N GLY B 352 -27.24 2.29 -1.34
CA GLY B 352 -27.64 0.93 -1.07
C GLY B 352 -26.97 0.38 0.17
N LYS B 353 -27.20 -0.91 0.39
CA LYS B 353 -26.77 -1.59 1.60
C LYS B 353 -26.27 -2.99 1.26
N TYR B 354 -25.34 -3.49 2.07
CA TYR B 354 -24.83 -4.85 1.95
C TYR B 354 -24.86 -5.51 3.31
N ALA B 355 -25.09 -6.83 3.33
CA ALA B 355 -25.07 -7.56 4.61
C ALA B 355 -24.60 -8.99 4.35
N ARG B 356 -23.47 -9.35 4.95
CA ARG B 356 -22.97 -10.72 4.89
C ARG B 356 -23.65 -11.53 5.98
N MET B 357 -24.41 -12.55 5.57
CA MET B 357 -25.19 -13.37 6.49
C MET B 357 -24.49 -14.70 6.76
N ARG B 358 -23.33 -14.60 7.41
CA ARG B 358 -22.66 -15.80 7.92
C ARG B 358 -21.76 -15.36 9.09
N GLY B 359 -22.31 -15.43 10.32
CA GLY B 359 -21.49 -15.21 11.50
C GLY B 359 -20.63 -16.41 11.82
N ALA B 360 -19.55 -16.18 12.56
CA ALA B 360 -18.52 -17.21 12.78
C ALA B 360 -18.00 -17.78 11.46
N HIS B 361 -18.25 -17.06 10.37
CA HIS B 361 -17.72 -17.37 9.04
C HIS B 361 -17.21 -16.15 8.28
N THR B 362 -17.61 -14.92 8.65
CA THR B 362 -17.26 -13.70 7.94
C THR B 362 -16.64 -12.69 8.89
N ASN B 363 -15.72 -11.91 8.37
CA ASN B 363 -14.99 -10.92 9.15
C ASN B 363 -14.94 -9.61 8.38
N ASP B 364 -14.38 -8.56 9.01
CA ASP B 364 -14.56 -7.21 8.51
C ASP B 364 -14.01 -7.03 7.10
N VAL B 365 -12.79 -7.49 6.87
CA VAL B 365 -12.19 -7.26 5.56
C VAL B 365 -12.87 -8.10 4.49
N LYS B 366 -13.37 -9.28 4.86
CA LYS B 366 -14.16 -10.03 3.89
C LYS B 366 -15.38 -9.20 3.48
N GLN B 367 -16.08 -8.62 4.46
CA GLN B 367 -17.27 -7.87 4.14
C GLN B 367 -16.95 -6.66 3.25
N LEU B 368 -15.92 -5.90 3.61
CA LEU B 368 -15.58 -4.72 2.81
C LEU B 368 -15.24 -5.13 1.38
N THR B 369 -14.62 -6.30 1.22
CA THR B 369 -14.21 -6.74 -0.10
C THR B 369 -15.40 -7.24 -0.92
N GLU B 370 -16.25 -8.07 -0.33
CA GLU B 370 -17.50 -8.43 -1.00
C GLU B 370 -18.33 -7.19 -1.26
N ALA B 371 -18.40 -6.27 -0.30
CA ALA B 371 -19.10 -5.02 -0.58
C ALA B 371 -18.50 -4.38 -1.84
N VAL B 372 -17.18 -4.21 -1.87
CA VAL B 372 -16.58 -3.50 -2.99
C VAL B 372 -16.94 -4.16 -4.31
N GLN B 373 -17.02 -5.49 -4.33
CA GLN B 373 -17.27 -6.17 -5.59
C GLN B 373 -18.73 -6.04 -6.00
N LYS B 374 -19.67 -6.09 -5.04
CA LYS B 374 -21.07 -5.88 -5.41
C LYS B 374 -21.30 -4.47 -5.94
N ILE B 375 -20.67 -3.47 -5.32
CA ILE B 375 -20.88 -2.09 -5.81
C ILE B 375 -20.32 -1.92 -7.22
N THR B 376 -19.14 -2.50 -7.50
CA THR B 376 -18.59 -2.44 -8.85
C THR B 376 -19.50 -3.13 -9.87
N THR B 377 -19.92 -4.36 -9.58
CA THR B 377 -20.80 -5.06 -10.50
C THR B 377 -22.05 -4.22 -10.78
N GLU B 378 -22.65 -3.65 -9.73
CA GLU B 378 -23.78 -2.75 -9.96
C GLU B 378 -23.36 -1.65 -10.93
N SER B 379 -22.22 -1.04 -10.66
CA SER B 379 -21.84 0.13 -11.42
C SER B 379 -21.60 -0.20 -12.88
N ILE B 380 -21.01 -1.37 -13.15
CA ILE B 380 -20.83 -1.80 -14.53
C ILE B 380 -22.17 -1.94 -15.21
N VAL B 381 -23.14 -2.56 -14.53
CA VAL B 381 -24.44 -2.80 -15.15
C VAL B 381 -25.13 -1.46 -15.48
N ILE B 382 -25.14 -0.52 -14.53
CA ILE B 382 -25.86 0.74 -14.71
C ILE B 382 -25.16 1.69 -15.69
N TRP B 383 -23.82 1.68 -15.75
CA TRP B 383 -23.10 2.74 -16.46
C TRP B 383 -21.96 2.24 -17.35
N GLY B 384 -21.56 0.97 -17.28
CA GLY B 384 -20.38 0.52 -17.99
C GLY B 384 -19.08 1.17 -17.54
N LYS B 385 -18.99 1.67 -16.31
CA LYS B 385 -17.72 2.20 -15.83
C LYS B 385 -17.59 1.84 -14.35
N THR B 386 -16.37 1.88 -13.86
CA THR B 386 -16.25 1.57 -12.44
C THR B 386 -16.00 2.81 -11.62
N PRO B 387 -16.50 2.86 -10.37
CA PRO B 387 -16.18 3.98 -9.48
C PRO B 387 -14.83 3.82 -8.78
N LYS B 388 -14.32 4.96 -8.30
CA LYS B 388 -13.14 5.00 -7.43
C LYS B 388 -13.63 5.00 -5.99
N PHE B 389 -13.22 3.98 -5.22
CA PHE B 389 -13.75 3.80 -3.86
C PHE B 389 -13.00 4.62 -2.82
N LYS B 390 -13.76 5.16 -1.87
CA LYS B 390 -13.25 5.75 -0.64
C LYS B 390 -13.37 4.68 0.46
N LEU B 391 -12.30 3.93 0.67
CA LEU B 391 -12.43 2.78 1.58
C LEU B 391 -12.17 3.18 3.05
N PRO B 392 -12.99 2.72 3.99
CA PRO B 392 -12.74 2.94 5.45
C PRO B 392 -11.89 1.84 6.06
N ILE B 393 -10.59 1.90 5.74
CA ILE B 393 -9.63 0.86 6.13
C ILE B 393 -8.25 1.49 6.02
N GLN B 394 -7.31 0.98 6.84
CA GLN B 394 -5.92 1.44 6.76
C GLN B 394 -5.30 0.98 5.45
N LYS B 395 -4.59 1.89 4.76
CA LYS B 395 -4.02 1.54 3.46
C LYS B 395 -3.21 0.26 3.54
N GLU B 396 -2.27 0.18 4.49
CA GLU B 396 -1.40 -1.00 4.51
C GLU B 396 -2.20 -2.26 4.81
N THR B 397 -3.22 -2.17 5.66
CA THR B 397 -4.02 -3.35 5.94
C THR B 397 -4.64 -3.88 4.66
N TRP B 398 -5.26 -2.98 3.88
CA TRP B 398 -5.96 -3.36 2.67
C TRP B 398 -4.97 -3.87 1.63
N GLU B 399 -3.83 -3.20 1.51
CA GLU B 399 -2.86 -3.68 0.55
C GLU B 399 -2.32 -5.05 0.91
N THR B 400 -2.69 -5.61 2.05
CA THR B 400 -2.18 -6.93 2.46
C THR B 400 -3.18 -8.06 2.29
N TRP B 401 -4.47 -7.80 2.46
CA TRP B 401 -5.45 -8.88 2.58
C TRP B 401 -6.58 -8.82 1.57
N TRP B 402 -6.57 -7.88 0.61
CA TRP B 402 -7.70 -7.83 -0.32
C TRP B 402 -7.74 -9.05 -1.21
N THR B 403 -6.57 -9.53 -1.69
CA THR B 403 -6.57 -10.69 -2.59
C THR B 403 -7.17 -11.93 -1.93
N GLU B 404 -7.22 -11.97 -0.60
CA GLU B 404 -7.66 -13.20 0.07
C GLU B 404 -9.11 -13.52 -0.24
N TYR B 405 -9.92 -12.50 -0.56
CA TYR B 405 -11.32 -12.72 -0.85
C TYR B 405 -11.72 -12.04 -2.15
N TRP B 406 -10.75 -11.59 -2.95
CA TRP B 406 -11.07 -11.01 -4.23
C TRP B 406 -11.45 -12.11 -5.19
N GLN B 407 -12.60 -11.97 -5.83
CA GLN B 407 -13.09 -12.98 -6.75
C GLN B 407 -13.38 -12.42 -8.15
N ALA B 408 -12.95 -11.21 -8.45
CA ALA B 408 -13.23 -10.58 -9.71
C ALA B 408 -11.96 -10.45 -10.55
N THR B 409 -12.16 -10.28 -11.85
CA THR B 409 -11.05 -10.17 -12.78
C THR B 409 -10.57 -8.75 -12.97
N TRP B 410 -11.47 -7.78 -12.83
CA TRP B 410 -11.09 -6.37 -12.84
C TRP B 410 -10.75 -5.93 -11.43
N ILE B 411 -10.13 -4.77 -11.35
CA ILE B 411 -9.85 -4.12 -10.08
C ILE B 411 -10.17 -2.64 -10.22
N PRO B 412 -11.18 -2.14 -9.52
CA PRO B 412 -11.44 -0.70 -9.52
C PRO B 412 -10.31 0.03 -8.82
N GLU B 413 -10.23 1.35 -9.04
CA GLU B 413 -9.24 2.14 -8.30
C GLU B 413 -9.76 2.54 -6.91
N TRP B 414 -8.84 2.88 -6.00
CA TRP B 414 -9.28 3.23 -4.66
C TRP B 414 -8.31 4.17 -3.96
N GLU B 415 -8.81 4.71 -2.86
CA GLU B 415 -8.00 5.47 -1.91
C GLU B 415 -8.65 5.30 -0.55
N PHE B 416 -7.95 5.76 0.47
CA PHE B 416 -8.33 5.43 1.84
C PHE B 416 -8.71 6.69 2.59
N VAL B 417 -9.76 6.58 3.39
CA VAL B 417 -10.21 7.65 4.26
C VAL B 417 -9.67 7.39 5.66
N ASN B 418 -9.34 8.50 6.36
CA ASN B 418 -8.89 8.48 7.74
C ASN B 418 -9.80 9.27 8.66
N THR B 419 -10.63 10.17 8.12
CA THR B 419 -11.65 10.87 8.88
C THR B 419 -12.90 10.03 8.99
N PRO B 420 -13.40 9.76 10.19
CA PRO B 420 -14.61 8.95 10.32
C PRO B 420 -15.85 9.75 9.97
N PRO B 421 -17.01 9.09 9.85
CA PRO B 421 -18.26 9.82 9.64
C PRO B 421 -18.80 10.44 10.93
N LEU B 422 -19.64 11.48 10.76
CA LEU B 422 -20.22 12.14 11.93
C LEU B 422 -21.27 11.27 12.60
N VAL B 423 -22.33 10.90 11.87
CA VAL B 423 -23.37 10.01 12.39
C VAL B 423 -23.64 8.94 11.35
N LYS B 424 -23.25 7.69 11.65
CA LYS B 424 -23.41 6.60 10.70
C LYS B 424 -24.89 6.33 10.41
N LEU B 425 -25.76 6.43 11.43
CA LEU B 425 -27.19 6.28 11.20
C LEU B 425 -27.74 7.32 10.24
N TRP B 426 -26.98 8.36 9.92
CA TRP B 426 -27.45 9.31 8.93
C TRP B 426 -27.69 8.65 7.57
N TYR B 427 -27.05 7.52 7.27
CA TYR B 427 -27.33 6.77 6.05
C TYR B 427 -28.08 5.47 6.29
N GLN B 428 -28.23 5.03 7.53
CA GLN B 428 -29.11 3.92 7.85
C GLN B 428 -29.13 3.65 9.35
C10 VR9 C . 22.97 -19.71 0.97
C13 VR9 C . 24.49 -15.77 2.69
C15 VR9 C . 22.83 -14.14 2.29
C17 VR9 C . 25.46 -14.75 2.79
C20 VR9 C . 28.63 -12.73 3.20
C11 VR9 C . 23.89 -18.68 1.20
C12 VR9 C . 24.03 -18.13 2.47
C14 VR9 C . 23.19 -15.46 2.44
C16 VR9 C . 23.81 -13.16 2.39
C18 VR9 C . 26.84 -14.70 3.02
C19 VR9 C . 27.23 -13.31 2.98
C1 VR9 C . 23.85 -20.55 8.36
C2 VR9 C . 25.93 -19.21 7.77
C21 VR9 C . 26.03 -12.61 2.73
C3 VR9 C . 26.84 -18.19 7.13
C4 VR9 C . 27.75 -17.37 7.60
C5 VR9 C . 23.54 -18.23 7.23
C6 VR9 C . 22.90 -18.74 5.89
C7 VR9 C . 23.27 -18.63 3.52
C8 VR9 C . 22.36 -19.66 3.31
C9 VR9 C . 22.20 -20.22 2.03
N1 VR9 C . 24.41 -19.30 7.78
N2 VR9 C . 25.10 -13.50 2.64
N3 VR9 C . 29.67 -12.29 3.35
O1 VR9 C . 26.51 -20.09 8.17
O2 VR9 C . 23.47 -18.04 4.78
O3 VR9 C . 24.93 -17.09 2.83
CL1 VR9 C . 21.02 -21.54 1.78
H12 VR9 C . 22.86 -20.14 -0.02
H15 VR9 C . 21.79 -13.88 2.10
H13 VR9 C . 24.49 -18.29 0.38
H14 VR9 C . 22.43 -16.23 2.35
H16 VR9 C . 23.53 -12.11 2.28
H17 VR9 C . 27.49 -15.55 3.20
H2 VR9 C . 22.77 -20.58 8.18
H3 VR9 C . 24.04 -20.57 9.43
H1 VR9 C . 24.32 -21.42 7.88
H18 VR9 C . 25.92 -11.54 2.63
H19 VR9 C . 27.21 -19.20 6.95
H20 VR9 C . 28.05 -17.00 8.53
H5 VR9 C . 27.42 -17.66 8.53
H8 VR9 C . 22.75 -17.99 7.94
H7 VR9 C . 24.14 -17.33 7.04
H10 VR9 C . 23.09 -19.80 5.79
H9 VR9 C . 21.83 -18.55 5.91
H11 VR9 C . 21.77 -20.04 4.14
MG MG D . 4.77 -7.81 -11.07
#